data_6XT0
#
_entry.id   6XT0
#
_cell.length_a   184.790
_cell.length_b   59.190
_cell.length_c   67.350
_cell.angle_alpha   90.00
_cell.angle_beta   95.00
_cell.angle_gamma   90.00
#
_symmetry.space_group_name_H-M   'C 1 2 1'
#
loop_
_entity.id
_entity.type
_entity.pdbx_description
1 polymer 'Tryptophan synthase alpha chain'
2 polymer 'Tryptophan synthase beta chain'
3 non-polymer 'DIMETHYL SULFOXIDE'
4 non-polymer SN-GLYCEROL-1-PHOSPHATE
5 non-polymer 4-[(E)-({1-carboxy-2-[(3R)-3-hydroxy-2-oxo-2,3-dihydro-1H-indol-3-yl]ethan-1-id-1-yl}iminio)methyl]-2-methyl-5-[(phosphonooxy)methyl]pyridin-1-ium-3-olate
6 non-polymer 4-[(E)-({1-carboxy-2-[(3R)-3-hydroxy-2-oxo-2,3-dihydro-1H-indol-3-yl]ethan-1-id-1-yl}iminio)methyl]-2-methyl-5-[(phosphonooxy)methyl]pyridin-1-ium-3-olate
7 non-polymer 'SODIUM ION'
8 water water
#
loop_
_entity_poly.entity_id
_entity_poly.type
_entity_poly.pdbx_seq_one_letter_code
_entity_poly.pdbx_strand_id
1 'polypeptide(L)'
;MERYENLFAQLNDRREGAFVPFVTLGDPGIEQSLKIIDTLIDAGADALELGVPFSDPLADGPTIQNANLRAFAAGVTPAQ
CFEMLALIREKHPTIPIGLLMYANLVFNNGIDAFYARCEQVGVDSVLVADVPVEESAPFRQAALRHNIAPIFICPPNADD
DLLRQVASYGRGYTYLLSRSGVTGAENRGALPLHHLIEKLKEYHAAPALQGFGISSPEQVSAAVRAGAAGAISGSAIVKI
IEKNLASPKQMLAELRSFVSAMKAASRA
;
A
2 'polypeptide(L)'
;MTTLLNPYFGEFGGMYVPQILMPALNQLEEAFVSAQKDPEFQAQFADLLKNYAGRPTALTKCQNITAGTRTTLYLKREDL
LHGGAHKTNQVLGQALLAKRMGKSEIIAETGAGQHGVASALASALLGLKCRIYMGAKDVERQSPNVFRMRLMGAEVIPVH
SGSATLKDACNEALRDWSGSYETAHYMLGTAAGPHPYPTIVREFQRMIGEETKAQILDKEGRLPDAVIACVGGGSNAIGM
FADFINDTSVGLIGVEPGGHGIETGEHGAPLKHGRVGIYFGMKAPMMQTADGQIEESYSISAGLDFPSVGPQHAYLNSIG
RADYVSITDDEALEAFKTLCRHEGIIPALESSHALAHALKMMREQPEKEQLLVVNLSGRGDKDIFTVHDILKARGEI
;
B
#
# COMPACT_ATOMS: atom_id res chain seq x y z
N GLU A 2 -17.43 -17.88 -27.41
CA GLU A 2 -16.61 -18.16 -26.24
C GLU A 2 -17.48 -18.58 -25.06
N ARG A 3 -16.83 -19.03 -23.98
CA ARG A 3 -17.56 -19.74 -22.92
C ARG A 3 -18.55 -18.84 -22.19
N TYR A 4 -18.20 -17.58 -21.95
CA TYR A 4 -19.14 -16.69 -21.27
C TYR A 4 -20.36 -16.39 -22.13
N GLU A 5 -20.14 -16.08 -23.41
CA GLU A 5 -21.25 -15.79 -24.30
C GLU A 5 -22.19 -16.99 -24.42
N ASN A 6 -21.62 -18.18 -24.56
CA ASN A 6 -22.44 -19.39 -24.61
C ASN A 6 -23.23 -19.57 -23.32
N LEU A 7 -22.57 -19.40 -22.18
CA LEU A 7 -23.25 -19.59 -20.90
C LEU A 7 -24.43 -18.62 -20.77
N PHE A 8 -24.17 -17.33 -20.97
CA PHE A 8 -25.24 -16.35 -20.75
C PHE A 8 -26.37 -16.53 -21.75
N ALA A 9 -26.07 -16.98 -22.97
CA ALA A 9 -27.13 -17.27 -23.93
C ALA A 9 -28.01 -18.41 -23.45
N GLN A 10 -27.38 -19.50 -22.98
CA GLN A 10 -28.14 -20.63 -22.48
C GLN A 10 -28.96 -20.24 -21.26
N LEU A 11 -28.38 -19.47 -20.35
CA LEU A 11 -29.09 -19.07 -19.14
C LEU A 11 -30.26 -18.17 -19.47
N ASN A 12 -30.11 -17.30 -20.47
CA ASN A 12 -31.21 -16.42 -20.86
C ASN A 12 -32.35 -17.20 -21.49
N ASP A 13 -32.03 -18.22 -22.28
CA ASP A 13 -33.07 -19.08 -22.83
C ASP A 13 -33.87 -19.73 -21.71
N ARG A 14 -33.21 -20.10 -20.61
CA ARG A 14 -33.89 -20.72 -19.48
C ARG A 14 -34.39 -19.71 -18.46
N ARG A 15 -34.29 -18.42 -18.74
CA ARG A 15 -34.66 -17.37 -17.81
C ARG A 15 -33.98 -17.60 -16.45
N GLU A 16 -32.70 -17.89 -16.50
CA GLU A 16 -31.92 -18.19 -15.31
C GLU A 16 -30.82 -17.14 -15.13
N GLY A 17 -30.56 -16.79 -13.89
CA GLY A 17 -29.33 -16.11 -13.55
C GLY A 17 -28.23 -17.11 -13.30
N ALA A 18 -26.99 -16.60 -13.27
CA ALA A 18 -25.83 -17.42 -13.03
C ALA A 18 -25.47 -17.37 -11.56
N PHE A 19 -25.08 -18.51 -11.00
CA PHE A 19 -24.47 -18.54 -9.67
C PHE A 19 -23.00 -18.93 -9.84
N VAL A 20 -22.11 -18.07 -9.35
CA VAL A 20 -20.69 -18.20 -9.60
C VAL A 20 -19.94 -18.20 -8.28
N PRO A 21 -19.58 -19.36 -7.75
CA PRO A 21 -18.81 -19.39 -6.50
C PRO A 21 -17.37 -18.97 -6.74
N PHE A 22 -16.75 -18.49 -5.67
CA PHE A 22 -15.32 -18.21 -5.62
C PHE A 22 -14.68 -19.06 -4.54
N VAL A 23 -13.53 -19.67 -4.86
CA VAL A 23 -12.63 -20.24 -3.87
C VAL A 23 -11.21 -19.83 -4.21
N THR A 24 -10.33 -19.92 -3.21
CA THR A 24 -8.90 -19.74 -3.41
C THR A 24 -8.27 -21.07 -3.83
N LEU A 25 -7.53 -21.04 -4.93
CA LEU A 25 -6.90 -22.27 -5.43
C LEU A 25 -5.89 -22.81 -4.41
N GLY A 26 -6.04 -24.09 -4.07
CA GLY A 26 -5.12 -24.75 -3.16
C GLY A 26 -5.51 -24.66 -1.70
N ASP A 27 -6.68 -24.09 -1.39
CA ASP A 27 -7.15 -24.01 -0.01
C ASP A 27 -8.12 -25.16 0.23
N PRO A 28 -7.87 -26.06 1.21
CA PRO A 28 -6.78 -26.08 2.17
C PRO A 28 -5.54 -26.83 1.69
N GLY A 29 -5.66 -27.47 0.52
CA GLY A 29 -4.56 -28.17 -0.11
C GLY A 29 -4.92 -28.38 -1.56
N ILE A 30 -3.96 -28.85 -2.34
CA ILE A 30 -4.19 -28.98 -3.78
C ILE A 30 -5.28 -30.01 -4.06
N GLU A 31 -5.15 -31.20 -3.46
CA GLU A 31 -6.11 -32.26 -3.76
C GLU A 31 -7.51 -31.92 -3.24
N GLN A 32 -7.60 -31.40 -2.01
CA GLN A 32 -8.92 -31.06 -1.49
C GLN A 32 -9.52 -29.90 -2.27
N SER A 33 -8.69 -28.94 -2.69
CA SER A 33 -9.17 -27.84 -3.52
C SER A 33 -9.77 -28.35 -4.82
N LEU A 34 -9.12 -29.32 -5.47
CA LEU A 34 -9.68 -29.90 -6.68
C LEU A 34 -11.01 -30.61 -6.40
N LYS A 35 -11.10 -31.37 -5.32
CA LYS A 35 -12.37 -32.01 -4.98
C LYS A 35 -13.43 -30.97 -4.69
N ILE A 36 -13.06 -29.90 -3.96
CA ILE A 36 -13.99 -28.81 -3.68
C ILE A 36 -14.58 -28.28 -4.98
N ILE A 37 -13.71 -27.93 -5.94
CA ILE A 37 -14.16 -27.31 -7.18
C ILE A 37 -15.07 -28.25 -7.95
N ASP A 38 -14.76 -29.55 -7.97
CA ASP A 38 -15.65 -30.50 -8.65
C ASP A 38 -17.01 -30.56 -7.95
N THR A 39 -17.02 -30.46 -6.62
CA THR A 39 -18.29 -30.45 -5.89
C THR A 39 -19.10 -29.20 -6.21
N LEU A 40 -18.45 -28.04 -6.30
CA LEU A 40 -19.16 -26.81 -6.63
C LEU A 40 -19.81 -26.91 -8.00
N ILE A 41 -19.09 -27.48 -8.98
CA ILE A 41 -19.65 -27.68 -10.32
C ILE A 41 -20.80 -28.67 -10.27
N ASP A 42 -20.58 -29.83 -9.66
CA ASP A 42 -21.62 -30.85 -9.64
C ASP A 42 -22.87 -30.35 -8.92
N ALA A 43 -22.72 -29.41 -7.99
CA ALA A 43 -23.85 -28.89 -7.23
C ALA A 43 -24.59 -27.77 -7.95
N GLY A 44 -24.07 -27.26 -9.06
CA GLY A 44 -24.84 -26.33 -9.87
C GLY A 44 -24.14 -25.04 -10.26
N ALA A 45 -22.86 -24.89 -9.93
CA ALA A 45 -22.14 -23.67 -10.32
C ALA A 45 -22.18 -23.51 -11.83
N ASP A 46 -22.54 -22.31 -12.29
CA ASP A 46 -22.59 -22.01 -13.71
C ASP A 46 -21.24 -21.57 -14.26
N ALA A 47 -20.42 -20.96 -13.40
CA ALA A 47 -19.08 -20.55 -13.74
C ALA A 47 -18.27 -20.53 -12.46
N LEU A 48 -16.96 -20.33 -12.60
CA LEU A 48 -16.05 -20.31 -11.46
C LEU A 48 -15.27 -19.00 -11.43
N GLU A 49 -15.04 -18.50 -10.23
CA GLU A 49 -14.05 -17.45 -9.98
C GLU A 49 -13.02 -18.05 -9.03
N LEU A 50 -11.75 -17.94 -9.40
CA LEU A 50 -10.69 -18.65 -8.72
C LEU A 50 -9.57 -17.67 -8.38
N GLY A 51 -9.14 -17.68 -7.12
CA GLY A 51 -8.09 -16.81 -6.66
C GLY A 51 -6.77 -17.56 -6.60
N VAL A 52 -5.70 -16.85 -6.93
CA VAL A 52 -4.34 -17.35 -6.76
C VAL A 52 -3.78 -16.76 -5.47
N PRO A 53 -3.31 -17.57 -4.52
CA PRO A 53 -2.87 -17.01 -3.25
C PRO A 53 -1.82 -15.93 -3.43
N PHE A 54 -2.00 -14.82 -2.72
CA PHE A 54 -1.13 -13.65 -2.78
C PHE A 54 -0.83 -13.18 -1.37
N SER A 55 0.38 -12.67 -1.19
CA SER A 55 0.88 -12.37 0.14
C SER A 55 0.12 -11.24 0.82
N ASP A 56 -0.39 -10.29 0.04
CA ASP A 56 -0.99 -9.07 0.60
C ASP A 56 -2.25 -8.72 -0.17
N PRO A 57 -3.35 -9.44 0.09
CA PRO A 57 -4.59 -9.22 -0.67
C PRO A 57 -5.38 -8.04 -0.14
N LEU A 58 -5.14 -6.85 -0.71
CA LEU A 58 -5.68 -5.62 -0.16
CA LEU A 58 -5.67 -5.63 -0.15
C LEU A 58 -7.17 -5.43 -0.40
N ALA A 59 -7.81 -6.31 -1.17
CA ALA A 59 -9.24 -6.19 -1.42
C ALA A 59 -10.04 -7.23 -0.67
N ASP A 60 -9.41 -8.03 0.19
CA ASP A 60 -10.06 -9.15 0.86
C ASP A 60 -10.12 -8.94 2.37
N GLY A 61 -11.22 -9.37 2.97
CA GLY A 61 -11.39 -9.35 4.41
C GLY A 61 -10.78 -10.59 5.02
N PRO A 62 -10.98 -10.80 6.33
CA PRO A 62 -10.27 -11.88 7.02
C PRO A 62 -10.56 -13.27 6.48
N THR A 63 -11.77 -13.55 5.99
CA THR A 63 -12.10 -14.89 5.55
C THR A 63 -11.19 -15.34 4.41
N ILE A 64 -11.06 -14.50 3.38
CA ILE A 64 -10.24 -14.89 2.23
C ILE A 64 -8.76 -14.66 2.50
N GLN A 65 -8.42 -13.71 3.38
CA GLN A 65 -7.05 -13.65 3.88
C GLN A 65 -6.62 -15.00 4.44
N ASN A 66 -7.48 -15.62 5.25
CA ASN A 66 -7.11 -16.88 5.89
C ASN A 66 -7.08 -18.02 4.87
N ALA A 67 -7.91 -17.96 3.84
CA ALA A 67 -7.82 -18.94 2.75
C ALA A 67 -6.44 -18.89 2.11
N ASN A 68 -5.95 -17.69 1.81
CA ASN A 68 -4.59 -17.56 1.26
CA ASN A 68 -4.60 -17.56 1.27
C ASN A 68 -3.57 -18.15 2.21
N LEU A 69 -3.70 -17.88 3.51
CA LEU A 69 -2.73 -18.39 4.47
C LEU A 69 -2.75 -19.91 4.50
N ARG A 70 -3.93 -20.51 4.48
CA ARG A 70 -4.01 -21.97 4.43
C ARG A 70 -3.33 -22.52 3.18
N ALA A 71 -3.58 -21.89 2.04
CA ALA A 71 -2.94 -22.32 0.80
C ALA A 71 -1.43 -22.20 0.91
N PHE A 72 -0.92 -21.06 1.39
CA PHE A 72 0.51 -20.92 1.55
C PHE A 72 1.06 -21.95 2.53
N ALA A 73 0.30 -22.28 3.59
CA ALA A 73 0.75 -23.27 4.53
C ALA A 73 0.92 -24.64 3.86
N ALA A 74 0.12 -24.91 2.84
CA ALA A 74 0.27 -26.12 2.03
C ALA A 74 1.31 -25.97 0.92
N GLY A 75 2.02 -24.84 0.88
CA GLY A 75 3.06 -24.64 -0.11
C GLY A 75 2.59 -24.25 -1.49
N VAL A 76 1.34 -23.76 -1.60
CA VAL A 76 0.77 -23.49 -2.92
C VAL A 76 1.46 -22.28 -3.55
N THR A 77 1.87 -22.43 -4.80
CA THR A 77 2.50 -21.39 -5.59
C THR A 77 1.64 -21.09 -6.81
N PRO A 78 1.84 -19.93 -7.46
CA PRO A 78 1.14 -19.67 -8.72
C PRO A 78 1.36 -20.75 -9.76
N ALA A 79 2.58 -21.28 -9.88
CA ALA A 79 2.81 -22.35 -10.84
C ALA A 79 1.91 -23.54 -10.57
N GLN A 80 1.79 -23.94 -9.29
CA GLN A 80 0.90 -25.05 -8.96
C GLN A 80 -0.55 -24.69 -9.28
N CYS A 81 -0.95 -23.44 -9.06
CA CYS A 81 -2.31 -23.03 -9.41
C CYS A 81 -2.58 -23.21 -10.89
N PHE A 82 -1.62 -22.89 -11.76
CA PHE A 82 -1.83 -23.11 -13.19
C PHE A 82 -1.91 -24.60 -13.54
N GLU A 83 -1.16 -25.46 -12.85
CA GLU A 83 -1.33 -26.89 -13.06
C GLU A 83 -2.73 -27.33 -12.68
N MET A 84 -3.27 -26.83 -11.56
CA MET A 84 -4.65 -27.09 -11.20
C MET A 84 -5.60 -26.61 -12.29
N LEU A 85 -5.42 -25.38 -12.75
CA LEU A 85 -6.33 -24.84 -13.77
C LEU A 85 -6.39 -25.72 -15.00
N ALA A 86 -5.25 -26.25 -15.42
CA ALA A 86 -5.23 -27.15 -16.57
C ALA A 86 -6.04 -28.41 -16.31
N LEU A 87 -5.87 -29.00 -15.12
CA LEU A 87 -6.64 -30.19 -14.77
C LEU A 87 -8.13 -29.90 -14.74
N ILE A 88 -8.52 -28.78 -14.15
CA ILE A 88 -9.93 -28.42 -14.05
C ILE A 88 -10.54 -28.30 -15.45
N ARG A 89 -9.84 -27.62 -16.35
CA ARG A 89 -10.35 -27.45 -17.70
C ARG A 89 -10.46 -28.78 -18.44
N GLU A 90 -9.52 -29.69 -18.21
CA GLU A 90 -9.56 -31.00 -18.85
C GLU A 90 -10.82 -31.78 -18.47
N LYS A 91 -11.31 -31.57 -17.25
CA LYS A 91 -12.48 -32.28 -16.76
C LYS A 91 -13.76 -31.59 -17.19
N HIS A 92 -13.72 -30.27 -17.37
CA HIS A 92 -14.91 -29.45 -17.58
C HIS A 92 -14.66 -28.54 -18.78
N PRO A 93 -15.02 -28.98 -19.98
CA PRO A 93 -14.62 -28.21 -21.17
C PRO A 93 -15.40 -26.93 -21.42
N THR A 94 -16.60 -26.77 -20.85
CA THR A 94 -17.44 -25.64 -21.20
C THR A 94 -17.65 -24.62 -20.10
N ILE A 95 -17.37 -24.96 -18.84
CA ILE A 95 -17.67 -24.01 -17.77
C ILE A 95 -16.72 -22.81 -17.87
N PRO A 96 -17.22 -21.57 -17.80
CA PRO A 96 -16.32 -20.42 -17.79
C PRO A 96 -15.49 -20.38 -16.53
N ILE A 97 -14.19 -20.12 -16.70
CA ILE A 97 -13.23 -20.08 -15.61
C ILE A 97 -12.60 -18.70 -15.59
N GLY A 98 -12.84 -17.95 -14.53
CA GLY A 98 -12.29 -16.62 -14.38
C GLY A 98 -11.32 -16.60 -13.20
N LEU A 99 -10.22 -15.86 -13.36
CA LEU A 99 -9.27 -15.69 -12.28
C LEU A 99 -9.48 -14.33 -11.63
N LEU A 100 -9.27 -14.28 -10.32
CA LEU A 100 -9.20 -13.04 -9.56
C LEU A 100 -7.76 -12.92 -9.10
N MET A 101 -7.05 -11.94 -9.62
CA MET A 101 -5.62 -11.79 -9.44
C MET A 101 -5.29 -10.45 -8.80
N TYR A 102 -4.16 -10.42 -8.10
CA TYR A 102 -3.53 -9.16 -7.72
C TYR A 102 -2.43 -8.81 -8.72
N ALA A 103 -2.25 -7.51 -8.95
CA ALA A 103 -1.47 -7.03 -10.08
C ALA A 103 -0.04 -7.58 -10.08
N ASN A 104 0.59 -7.66 -8.91
CA ASN A 104 2.00 -8.05 -8.93
C ASN A 104 2.18 -9.45 -9.48
N LEU A 105 1.23 -10.36 -9.25
CA LEU A 105 1.37 -11.71 -9.77
C LEU A 105 1.21 -11.75 -11.28
N VAL A 106 0.47 -10.79 -11.85
CA VAL A 106 0.34 -10.72 -13.31
C VAL A 106 1.56 -10.04 -13.92
N PHE A 107 2.06 -9.01 -13.24
CA PHE A 107 3.16 -8.20 -13.75
C PHE A 107 4.53 -8.82 -13.52
N ASN A 108 4.67 -9.60 -12.45
N ASN A 108 4.70 -9.61 -12.46
CA ASN A 108 5.96 -10.05 -11.93
CA ASN A 108 6.05 -9.91 -11.96
C ASN A 108 6.93 -10.49 -13.02
C ASN A 108 6.96 -10.46 -13.05
N ASN A 109 6.51 -11.47 -13.82
CA ASN A 109 7.36 -12.04 -14.86
C ASN A 109 6.85 -11.73 -16.26
N GLY A 110 6.17 -10.60 -16.42
CA GLY A 110 5.72 -10.18 -17.73
C GLY A 110 4.23 -10.32 -17.90
N ILE A 111 3.57 -9.20 -18.15
CA ILE A 111 2.11 -9.22 -18.34
C ILE A 111 1.75 -10.15 -19.47
N ASP A 112 2.42 -10.00 -20.61
CA ASP A 112 2.08 -10.81 -21.76
C ASP A 112 2.22 -12.30 -21.44
N ALA A 113 3.30 -12.66 -20.74
CA ALA A 113 3.53 -14.08 -20.46
C ALA A 113 2.44 -14.63 -19.55
N PHE A 114 1.97 -13.83 -18.58
CA PHE A 114 0.91 -14.29 -17.69
C PHE A 114 -0.34 -14.64 -18.47
N TYR A 115 -0.79 -13.74 -19.34
CA TYR A 115 -1.99 -14.04 -20.13
C TYR A 115 -1.75 -15.17 -21.12
N ALA A 116 -0.52 -15.32 -21.62
CA ALA A 116 -0.23 -16.46 -22.48
C ALA A 116 -0.41 -17.76 -21.72
N ARG A 117 0.00 -17.79 -20.45
CA ARG A 117 -0.18 -19.00 -19.66
C ARG A 117 -1.65 -19.26 -19.37
N CYS A 118 -2.40 -18.20 -19.07
CA CYS A 118 -3.85 -18.35 -18.89
C CYS A 118 -4.47 -19.04 -20.10
N GLU A 119 -4.15 -18.55 -21.30
CA GLU A 119 -4.68 -19.16 -22.52
C GLU A 119 -4.26 -20.62 -22.63
N GLN A 120 -2.99 -20.93 -22.30
CA GLN A 120 -2.51 -22.31 -22.38
CA GLN A 120 -2.52 -22.30 -22.39
C GLN A 120 -3.37 -23.24 -21.54
N VAL A 121 -3.78 -22.81 -20.34
CA VAL A 121 -4.52 -23.69 -19.43
C VAL A 121 -6.02 -23.62 -19.61
N GLY A 122 -6.53 -22.69 -20.40
CA GLY A 122 -7.94 -22.64 -20.72
C GLY A 122 -8.74 -21.67 -19.88
N VAL A 123 -8.08 -20.71 -19.25
CA VAL A 123 -8.79 -19.67 -18.50
C VAL A 123 -9.54 -18.79 -19.47
N ASP A 124 -10.72 -18.32 -19.05
CA ASP A 124 -11.57 -17.50 -19.91
C ASP A 124 -11.50 -16.01 -19.59
N SER A 125 -11.23 -15.62 -18.35
CA SER A 125 -11.20 -14.21 -18.00
C SER A 125 -10.27 -13.97 -16.82
N VAL A 126 -9.82 -12.73 -16.70
CA VAL A 126 -8.95 -12.31 -15.60
C VAL A 126 -9.43 -10.93 -15.12
N LEU A 127 -9.66 -10.83 -13.81
CA LEU A 127 -9.92 -9.56 -13.14
C LEU A 127 -8.73 -9.28 -12.24
N VAL A 128 -8.10 -8.13 -12.42
CA VAL A 128 -6.98 -7.70 -11.58
C VAL A 128 -7.54 -6.68 -10.59
N ALA A 129 -7.57 -7.07 -9.31
CA ALA A 129 -8.32 -6.33 -8.31
C ALA A 129 -7.77 -4.93 -8.10
N ASP A 130 -6.46 -4.74 -8.23
CA ASP A 130 -5.80 -3.45 -7.96
C ASP A 130 -5.30 -2.76 -9.22
N VAL A 131 -5.92 -3.03 -10.36
CA VAL A 131 -5.67 -2.31 -11.60
C VAL A 131 -6.98 -1.69 -12.05
N PRO A 132 -7.17 -0.38 -11.85
CA PRO A 132 -8.39 0.27 -12.31
C PRO A 132 -8.31 0.48 -13.82
N VAL A 133 -9.45 0.87 -14.40
N VAL A 133 -9.47 0.84 -14.40
CA VAL A 133 -9.50 1.04 -15.85
CA VAL A 133 -9.53 1.07 -15.84
C VAL A 133 -8.48 2.07 -16.31
C VAL A 133 -8.43 2.02 -16.27
N GLU A 134 -8.15 3.02 -15.43
CA GLU A 134 -7.18 4.06 -15.78
C GLU A 134 -5.79 3.49 -16.03
N GLU A 135 -5.46 2.35 -15.43
CA GLU A 135 -4.15 1.74 -15.55
C GLU A 135 -4.16 0.45 -16.37
N SER A 136 -5.28 0.13 -17.01
CA SER A 136 -5.50 -1.23 -17.50
C SER A 136 -4.91 -1.51 -18.88
N ALA A 137 -4.43 -0.50 -19.59
CA ALA A 137 -4.11 -0.65 -21.01
C ALA A 137 -3.26 -1.88 -21.31
N PRO A 138 -2.08 -2.03 -20.70
CA PRO A 138 -1.25 -3.20 -21.04
C PRO A 138 -1.88 -4.52 -20.61
N PHE A 139 -2.73 -4.51 -19.59
CA PHE A 139 -3.39 -5.73 -19.15
C PHE A 139 -4.49 -6.12 -20.13
N ARG A 140 -5.34 -5.18 -20.53
CA ARG A 140 -6.43 -5.54 -21.44
C ARG A 140 -5.91 -5.87 -22.84
N GLN A 141 -4.83 -5.22 -23.28
CA GLN A 141 -4.24 -5.57 -24.57
C GLN A 141 -3.69 -6.98 -24.55
N ALA A 142 -2.95 -7.34 -23.49
CA ALA A 142 -2.40 -8.68 -23.37
C ALA A 142 -3.51 -9.71 -23.25
N ALA A 143 -4.56 -9.41 -22.48
CA ALA A 143 -5.69 -10.32 -22.38
C ALA A 143 -6.28 -10.61 -23.76
N LEU A 144 -6.64 -9.55 -24.49
CA LEU A 144 -7.27 -9.73 -25.79
C LEU A 144 -6.35 -10.46 -26.77
N ARG A 145 -5.05 -10.18 -26.71
CA ARG A 145 -4.12 -10.86 -27.60
C ARG A 145 -4.13 -12.37 -27.38
N HIS A 146 -4.44 -12.81 -26.15
CA HIS A 146 -4.42 -14.23 -25.82
C HIS A 146 -5.81 -14.78 -25.58
N ASN A 147 -6.83 -14.11 -26.14
CA ASN A 147 -8.21 -14.59 -26.11
C ASN A 147 -8.73 -14.75 -24.70
N ILE A 148 -8.28 -13.86 -23.81
CA ILE A 148 -8.76 -13.78 -22.43
C ILE A 148 -9.63 -12.53 -22.31
N ALA A 149 -10.77 -12.67 -21.65
CA ALA A 149 -11.64 -11.52 -21.41
C ALA A 149 -11.09 -10.71 -20.25
N PRO A 150 -10.79 -9.42 -20.44
CA PRO A 150 -10.45 -8.56 -19.31
C PRO A 150 -11.73 -8.10 -18.59
N ILE A 151 -11.76 -8.31 -17.28
CA ILE A 151 -12.94 -8.01 -16.46
C ILE A 151 -12.70 -6.70 -15.73
N PHE A 152 -13.70 -5.82 -15.77
CA PHE A 152 -13.64 -4.54 -15.08
C PHE A 152 -14.79 -4.41 -14.10
N ILE A 153 -14.54 -3.63 -13.05
CA ILE A 153 -15.47 -3.49 -11.94
C ILE A 153 -16.31 -2.24 -12.16
N CYS A 154 -17.61 -2.37 -11.97
CA CYS A 154 -18.52 -1.23 -11.90
C CYS A 154 -18.83 -1.00 -10.43
N PRO A 155 -18.23 -0.01 -9.78
CA PRO A 155 -18.51 0.23 -8.37
C PRO A 155 -19.77 1.04 -8.19
N PRO A 156 -20.36 1.04 -7.00
CA PRO A 156 -21.61 1.78 -6.78
C PRO A 156 -21.47 3.28 -6.96
N ASN A 157 -20.26 3.83 -6.86
CA ASN A 157 -20.04 5.25 -7.05
C ASN A 157 -19.62 5.58 -8.47
N ALA A 158 -19.92 4.70 -9.44
CA ALA A 158 -19.50 4.92 -10.81
C ALA A 158 -20.19 6.13 -11.40
N ASP A 159 -19.44 6.96 -12.10
CA ASP A 159 -20.00 8.05 -12.87
C ASP A 159 -20.21 7.60 -14.32
N ASP A 160 -20.82 8.46 -15.11
CA ASP A 160 -21.22 8.04 -16.45
C ASP A 160 -20.00 7.72 -17.32
N ASP A 161 -18.96 8.54 -17.23
CA ASP A 161 -17.74 8.24 -17.98
C ASP A 161 -17.20 6.85 -17.63
N LEU A 162 -17.15 6.51 -16.35
CA LEU A 162 -16.69 5.19 -15.95
C LEU A 162 -17.59 4.09 -16.51
N LEU A 163 -18.91 4.31 -16.48
CA LEU A 163 -19.83 3.33 -17.06
C LEU A 163 -19.51 3.08 -18.52
N ARG A 164 -19.26 4.16 -19.28
CA ARG A 164 -18.96 4.01 -20.70
C ARG A 164 -17.62 3.33 -20.92
N GLN A 165 -16.64 3.54 -20.03
CA GLN A 165 -15.36 2.88 -20.18
C GLN A 165 -15.45 1.38 -19.90
N VAL A 166 -16.06 1.02 -18.77
CA VAL A 166 -16.22 -0.40 -18.44
CA VAL A 166 -16.21 -0.40 -18.45
C VAL A 166 -16.99 -1.11 -19.53
N ALA A 167 -18.01 -0.45 -20.09
CA ALA A 167 -18.80 -1.07 -21.15
C ALA A 167 -17.96 -1.29 -22.40
N SER A 168 -17.07 -0.34 -22.72
CA SER A 168 -16.30 -0.46 -23.95
C SER A 168 -15.14 -1.45 -23.80
N TYR A 169 -14.45 -1.44 -22.65
CA TYR A 169 -13.20 -2.16 -22.51
C TYR A 169 -13.38 -3.57 -21.97
N GLY A 170 -14.46 -3.84 -21.24
CA GLY A 170 -14.65 -5.14 -20.66
C GLY A 170 -15.25 -6.16 -21.61
N ARG A 171 -15.03 -7.42 -21.28
CA ARG A 171 -15.58 -8.54 -22.03
C ARG A 171 -15.95 -9.65 -21.05
N GLY A 172 -16.74 -10.61 -21.52
CA GLY A 172 -17.10 -11.74 -20.69
C GLY A 172 -18.22 -11.45 -19.72
N TYR A 173 -17.91 -10.74 -18.64
CA TYR A 173 -18.92 -10.24 -17.71
C TYR A 173 -18.42 -8.95 -17.11
N THR A 174 -19.34 -8.19 -16.52
CA THR A 174 -19.01 -6.98 -15.76
C THR A 174 -19.16 -7.30 -14.28
N TYR A 175 -18.16 -6.93 -13.49
CA TYR A 175 -18.20 -7.20 -12.05
C TYR A 175 -18.90 -6.02 -11.36
N LEU A 176 -20.14 -6.24 -10.94
CA LEU A 176 -20.94 -5.20 -10.29
C LEU A 176 -20.76 -5.33 -8.78
N LEU A 177 -20.07 -4.38 -8.18
CA LEU A 177 -19.82 -4.41 -6.74
C LEU A 177 -21.11 -4.14 -5.96
N SER A 178 -21.37 -4.97 -4.95
CA SER A 178 -22.54 -4.76 -4.10
C SER A 178 -22.38 -3.52 -3.22
N ARG A 179 -21.15 -3.15 -2.88
CA ARG A 179 -20.91 -2.17 -1.83
C ARG A 179 -19.43 -1.82 -1.84
N SER A 180 -19.10 -0.76 -1.09
CA SER A 180 -17.72 -0.42 -0.81
C SER A 180 -17.15 -1.42 0.20
N GLY A 181 -15.88 -1.25 0.55
CA GLY A 181 -15.20 -2.13 1.49
C GLY A 181 -14.49 -3.27 0.79
N VAL A 182 -14.17 -4.30 1.59
CA VAL A 182 -13.47 -5.48 1.11
C VAL A 182 -14.41 -6.68 1.16
N THR A 183 -13.92 -7.82 0.64
CA THR A 183 -14.73 -9.03 0.65
C THR A 183 -15.10 -9.42 2.08
N GLY A 184 -16.29 -10.00 2.21
CA GLY A 184 -16.81 -10.30 3.53
C GLY A 184 -18.25 -10.75 3.46
N ALA A 185 -18.52 -11.95 3.98
CA ALA A 185 -19.87 -12.50 3.94
C ALA A 185 -20.78 -11.82 4.94
N GLU A 186 -20.23 -11.28 6.02
CA GLU A 186 -21.04 -10.66 7.07
C GLU A 186 -21.50 -9.26 6.68
N ASN A 187 -20.81 -8.60 5.76
CA ASN A 187 -21.15 -7.25 5.31
C ASN A 187 -21.96 -7.39 4.03
N ARG A 188 -23.28 -7.23 4.15
CA ARG A 188 -24.20 -7.36 3.03
C ARG A 188 -24.51 -5.99 2.46
N GLY A 189 -24.33 -5.84 1.15
CA GLY A 189 -24.65 -4.58 0.49
C GLY A 189 -26.16 -4.47 0.26
N ALA A 190 -26.72 -3.32 0.62
CA ALA A 190 -28.15 -3.08 0.48
C ALA A 190 -28.49 -1.87 -0.38
N LEU A 191 -27.50 -1.23 -0.99
CA LEU A 191 -27.78 -0.10 -1.87
C LEU A 191 -28.41 -0.62 -3.16
N PRO A 192 -29.51 -0.03 -3.62
CA PRO A 192 -30.12 -0.49 -4.88
C PRO A 192 -29.22 -0.18 -6.06
N LEU A 193 -29.03 -1.18 -6.93
CA LEU A 193 -28.12 -1.06 -8.06
C LEU A 193 -28.85 -1.04 -9.40
N HIS A 194 -30.17 -0.91 -9.39
CA HIS A 194 -30.93 -0.93 -10.65
C HIS A 194 -30.40 0.08 -11.65
N HIS A 195 -30.09 1.29 -11.20
CA HIS A 195 -29.64 2.34 -12.13
C HIS A 195 -28.38 1.91 -12.87
N LEU A 196 -27.38 1.43 -12.13
CA LEU A 196 -26.13 1.01 -12.75
C LEU A 196 -26.36 -0.18 -13.69
N ILE A 197 -27.19 -1.13 -13.27
CA ILE A 197 -27.48 -2.27 -14.14
C ILE A 197 -28.09 -1.81 -15.44
N GLU A 198 -28.96 -0.80 -15.40
CA GLU A 198 -29.63 -0.33 -16.61
CA GLU A 198 -29.63 -0.33 -16.61
C GLU A 198 -28.67 0.41 -17.53
N LYS A 199 -27.77 1.22 -16.95
CA LYS A 199 -26.82 1.96 -17.78
C LYS A 199 -25.88 1.00 -18.48
N LEU A 200 -25.35 0.02 -17.75
CA LEU A 200 -24.48 -0.97 -18.36
C LEU A 200 -25.15 -1.59 -19.57
N LYS A 201 -26.41 -2.00 -19.43
CA LYS A 201 -27.13 -2.59 -20.55
C LYS A 201 -27.30 -1.58 -21.68
N GLU A 202 -27.61 -0.32 -21.33
CA GLU A 202 -27.77 0.71 -22.36
C GLU A 202 -26.47 0.86 -23.16
N TYR A 203 -25.34 0.73 -22.49
CA TYR A 203 -24.02 0.89 -23.11
C TYR A 203 -23.46 -0.42 -23.64
N HIS A 204 -24.26 -1.49 -23.66
CA HIS A 204 -23.85 -2.75 -24.26
C HIS A 204 -22.65 -3.35 -23.55
N ALA A 205 -22.66 -3.27 -22.22
CA ALA A 205 -21.60 -3.88 -21.44
C ALA A 205 -21.81 -5.39 -21.34
N ALA A 206 -20.73 -6.09 -21.03
CA ALA A 206 -20.83 -7.51 -20.77
C ALA A 206 -21.79 -7.74 -19.60
N PRO A 207 -22.52 -8.86 -19.60
CA PRO A 207 -23.54 -9.07 -18.56
C PRO A 207 -22.96 -8.94 -17.16
N ALA A 208 -23.74 -8.35 -16.25
CA ALA A 208 -23.25 -8.04 -14.91
C ALA A 208 -23.42 -9.23 -13.98
N LEU A 209 -22.36 -9.53 -13.23
CA LEU A 209 -22.41 -10.45 -12.10
C LEU A 209 -22.14 -9.64 -10.83
N GLN A 210 -23.08 -9.67 -9.90
CA GLN A 210 -22.92 -8.91 -8.68
C GLN A 210 -22.11 -9.69 -7.66
N GLY A 211 -21.19 -9.01 -6.99
CA GLY A 211 -20.32 -9.65 -6.03
C GLY A 211 -19.98 -8.74 -4.86
N PHE A 212 -19.57 -9.40 -3.75
CA PHE A 212 -19.26 -8.82 -2.45
C PHE A 212 -20.48 -8.95 -1.53
N GLY A 213 -20.33 -9.69 -0.44
CA GLY A 213 -21.37 -9.78 0.57
C GLY A 213 -22.52 -10.70 0.24
N ILE A 214 -22.49 -11.39 -0.90
CA ILE A 214 -23.60 -12.28 -1.28
C ILE A 214 -23.42 -13.59 -0.53
N SER A 215 -24.29 -13.84 0.44
CA SER A 215 -24.11 -15.00 1.31
C SER A 215 -25.36 -15.82 1.51
N SER A 216 -26.48 -15.43 0.91
CA SER A 216 -27.74 -16.11 1.12
C SER A 216 -28.47 -16.24 -0.20
N PRO A 217 -29.36 -17.23 -0.34
CA PRO A 217 -30.14 -17.33 -1.58
C PRO A 217 -30.98 -16.10 -1.87
N GLU A 218 -31.50 -15.43 -0.85
CA GLU A 218 -32.34 -14.26 -1.09
C GLU A 218 -31.57 -13.16 -1.79
N GLN A 219 -30.28 -13.03 -1.49
CA GLN A 219 -29.46 -12.02 -2.17
C GLN A 219 -29.27 -12.37 -3.64
N VAL A 220 -29.13 -13.66 -3.93
CA VAL A 220 -29.00 -14.09 -5.32
C VAL A 220 -30.26 -13.75 -6.11
N SER A 221 -31.44 -14.07 -5.54
CA SER A 221 -32.70 -13.74 -6.22
C SER A 221 -32.86 -12.23 -6.41
N ALA A 222 -32.48 -11.43 -5.41
CA ALA A 222 -32.58 -9.98 -5.53
C ALA A 222 -31.73 -9.46 -6.67
N ALA A 223 -30.51 -9.97 -6.82
CA ALA A 223 -29.63 -9.49 -7.88
C ALA A 223 -30.24 -9.78 -9.26
N VAL A 224 -30.68 -11.02 -9.48
N VAL A 224 -30.69 -11.01 -9.48
CA VAL A 224 -31.25 -11.37 -10.78
CA VAL A 224 -31.27 -11.38 -10.76
C VAL A 224 -32.55 -10.61 -11.02
C VAL A 224 -32.53 -10.56 -11.00
N ARG A 225 -33.34 -10.39 -9.96
CA ARG A 225 -34.58 -9.66 -10.12
CA ARG A 225 -34.59 -9.65 -10.11
C ARG A 225 -34.33 -8.19 -10.45
N ALA A 226 -33.22 -7.63 -9.97
CA ALA A 226 -32.86 -6.25 -10.28
C ALA A 226 -32.29 -6.09 -11.67
N GLY A 227 -32.01 -7.18 -12.38
CA GLY A 227 -31.51 -7.12 -13.75
C GLY A 227 -30.12 -7.68 -13.94
N ALA A 228 -29.42 -8.07 -12.87
CA ALA A 228 -28.09 -8.64 -13.05
C ALA A 228 -28.17 -10.01 -13.70
N ALA A 229 -27.12 -10.38 -14.42
CA ALA A 229 -27.08 -11.67 -15.08
C ALA A 229 -26.75 -12.81 -14.12
N GLY A 230 -26.35 -12.49 -12.90
CA GLY A 230 -25.95 -13.52 -11.96
C GLY A 230 -25.29 -12.93 -10.75
N ALA A 231 -24.80 -13.81 -9.87
CA ALA A 231 -24.23 -13.39 -8.61
C ALA A 231 -23.02 -14.26 -8.26
N ILE A 232 -22.04 -13.64 -7.62
CA ILE A 232 -20.80 -14.28 -7.19
C ILE A 232 -20.82 -14.37 -5.67
N SER A 233 -20.38 -15.51 -5.13
CA SER A 233 -20.28 -15.69 -3.68
C SER A 233 -18.95 -16.35 -3.35
N GLY A 234 -18.16 -15.70 -2.49
CA GLY A 234 -16.84 -16.19 -2.13
C GLY A 234 -16.70 -16.50 -0.64
N SER A 235 -16.70 -15.47 0.19
CA SER A 235 -16.48 -15.66 1.62
C SER A 235 -17.45 -16.67 2.22
N ALA A 236 -18.72 -16.63 1.81
CA ALA A 236 -19.68 -17.61 2.33
C ALA A 236 -19.24 -19.04 2.00
N ILE A 237 -18.71 -19.25 0.80
CA ILE A 237 -18.20 -20.56 0.42
C ILE A 237 -16.97 -20.89 1.25
N VAL A 238 -16.06 -19.93 1.38
CA VAL A 238 -14.79 -20.22 2.05
C VAL A 238 -15.02 -20.51 3.53
N LYS A 239 -16.02 -19.89 4.15
CA LYS A 239 -16.31 -20.19 5.55
C LYS A 239 -16.66 -21.66 5.74
N ILE A 240 -17.30 -22.27 4.74
CA ILE A 240 -17.66 -23.68 4.85
C ILE A 240 -16.39 -24.52 4.86
N ILE A 241 -15.40 -24.15 4.03
CA ILE A 241 -14.10 -24.80 4.07
C ILE A 241 -13.47 -24.61 5.45
N GLU A 242 -13.35 -23.36 5.87
CA GLU A 242 -12.70 -23.05 7.14
C GLU A 242 -13.36 -23.80 8.29
N LYS A 243 -14.68 -23.92 8.28
CA LYS A 243 -15.40 -24.55 9.38
C LYS A 243 -15.12 -26.05 9.45
N ASN A 244 -14.87 -26.70 8.31
CA ASN A 244 -14.81 -28.16 8.25
C ASN A 244 -13.41 -28.68 7.92
N LEU A 245 -12.37 -27.92 8.26
CA LEU A 245 -11.01 -28.33 7.91
C LEU A 245 -10.71 -29.74 8.40
N ALA A 246 -11.23 -30.12 9.56
CA ALA A 246 -10.94 -31.43 10.14
C ALA A 246 -11.87 -32.52 9.65
N SER A 247 -12.94 -32.16 8.92
CA SER A 247 -13.93 -33.12 8.41
C SER A 247 -14.06 -32.90 6.91
N PRO A 248 -13.12 -33.42 6.11
CA PRO A 248 -13.16 -33.15 4.67
C PRO A 248 -14.43 -33.61 3.97
N LYS A 249 -15.06 -34.70 4.45
CA LYS A 249 -16.26 -35.18 3.79
C LYS A 249 -17.47 -34.31 4.11
N GLN A 250 -17.64 -33.96 5.39
CA GLN A 250 -18.70 -33.03 5.76
C GLN A 250 -18.51 -31.69 5.08
N MET A 251 -17.26 -31.29 4.81
CA MET A 251 -17.03 -30.04 4.08
C MET A 251 -17.67 -30.10 2.70
N LEU A 252 -17.44 -31.18 1.96
CA LEU A 252 -18.00 -31.29 0.61
C LEU A 252 -19.52 -31.35 0.66
N ALA A 253 -20.07 -32.07 1.63
CA ALA A 253 -21.53 -32.18 1.73
C ALA A 253 -22.16 -30.83 2.05
N GLU A 254 -21.55 -30.05 2.96
CA GLU A 254 -22.09 -28.73 3.25
C GLU A 254 -21.91 -27.78 2.08
N LEU A 255 -20.82 -27.91 1.33
CA LEU A 255 -20.63 -27.08 0.14
C LEU A 255 -21.69 -27.40 -0.90
N ARG A 256 -21.98 -28.68 -1.11
CA ARG A 256 -23.00 -29.06 -2.09
C ARG A 256 -24.34 -28.47 -1.72
N SER A 257 -24.73 -28.59 -0.43
CA SER A 257 -26.01 -28.06 0.01
C SER A 257 -26.09 -26.55 -0.24
N PHE A 258 -25.05 -25.82 0.18
CA PHE A 258 -25.07 -24.37 0.01
C PHE A 258 -25.14 -24.00 -1.47
N VAL A 259 -24.28 -24.59 -2.30
CA VAL A 259 -24.25 -24.23 -3.71
C VAL A 259 -25.60 -24.55 -4.36
N SER A 260 -26.15 -25.73 -4.06
CA SER A 260 -27.42 -26.11 -4.65
CA SER A 260 -27.42 -26.11 -4.65
C SER A 260 -28.52 -25.10 -4.30
N ALA A 261 -28.53 -24.63 -3.06
CA ALA A 261 -29.56 -23.68 -2.64
C ALA A 261 -29.36 -22.32 -3.30
N MET A 262 -28.12 -21.86 -3.37
CA MET A 262 -27.84 -20.58 -4.01
C MET A 262 -28.18 -20.62 -5.50
N LYS A 263 -27.89 -21.74 -6.16
CA LYS A 263 -28.22 -21.84 -7.58
C LYS A 263 -29.72 -21.91 -7.79
N ALA A 264 -30.43 -22.60 -6.89
CA ALA A 264 -31.88 -22.66 -7.01
C ALA A 264 -32.49 -21.25 -6.98
N ALA A 265 -31.94 -20.37 -6.14
CA ALA A 265 -32.45 -19.02 -6.04
C ALA A 265 -32.19 -18.17 -7.28
N SER A 266 -31.28 -18.62 -8.16
CA SER A 266 -31.02 -17.90 -9.40
C SER A 266 -32.02 -18.23 -10.50
N ARG A 267 -32.80 -19.30 -10.33
CA ARG A 267 -33.78 -19.69 -11.33
C ARG A 267 -35.03 -18.83 -11.18
N ALA A 268 -35.53 -18.33 -12.30
CA ALA A 268 -36.71 -17.47 -12.30
C ALA A 268 -37.93 -18.27 -12.77
N THR B 2 -7.95 10.00 -16.03
CA THR B 2 -7.76 11.43 -16.21
C THR B 2 -7.41 12.08 -14.88
N THR B 3 -6.27 12.79 -14.85
CA THR B 3 -5.78 13.45 -13.65
C THR B 3 -5.33 14.85 -14.00
N LEU B 4 -5.28 15.71 -12.97
CA LEU B 4 -4.80 17.08 -13.16
C LEU B 4 -3.27 17.12 -13.18
N LEU B 5 -2.64 16.19 -12.47
CA LEU B 5 -1.19 16.15 -12.31
C LEU B 5 -0.69 14.79 -12.80
N ASN B 6 0.59 14.74 -13.15
CA ASN B 6 1.18 13.50 -13.66
C ASN B 6 1.32 12.50 -12.52
N PRO B 7 0.73 11.30 -12.63
CA PRO B 7 0.85 10.33 -11.54
C PRO B 7 2.15 9.54 -11.55
N TYR B 8 3.00 9.74 -12.55
CA TYR B 8 4.20 8.93 -12.73
C TYR B 8 5.46 9.79 -12.64
N PHE B 9 6.51 9.15 -12.17
CA PHE B 9 7.87 9.66 -12.19
C PHE B 9 8.61 8.65 -13.05
N GLY B 10 8.75 8.94 -14.34
CA GLY B 10 9.21 7.91 -15.27
C GLY B 10 8.26 6.73 -15.26
N GLU B 11 8.82 5.52 -15.12
CA GLU B 11 8.03 4.29 -15.06
CA GLU B 11 8.01 4.31 -15.07
C GLU B 11 7.30 4.13 -13.73
N PHE B 12 7.65 4.89 -12.72
CA PHE B 12 7.24 4.60 -11.35
C PHE B 12 6.10 5.49 -10.87
N GLY B 13 5.19 4.88 -10.12
CA GLY B 13 4.05 5.59 -9.55
C GLY B 13 2.71 5.00 -9.94
N GLY B 14 1.79 5.85 -10.35
CA GLY B 14 0.48 5.42 -10.77
C GLY B 14 -0.52 5.36 -9.65
N MET B 15 -1.65 4.71 -9.97
CA MET B 15 -2.82 4.63 -9.09
C MET B 15 -3.36 3.20 -9.15
N TYR B 16 -2.64 2.26 -8.54
CA TYR B 16 -2.98 0.84 -8.60
C TYR B 16 -3.81 0.46 -7.38
N VAL B 17 -5.01 1.00 -7.35
CA VAL B 17 -5.95 0.75 -6.26
C VAL B 17 -7.19 0.12 -6.86
N PRO B 18 -7.98 -0.60 -6.05
CA PRO B 18 -9.29 -1.05 -6.53
C PRO B 18 -10.09 0.13 -7.07
N GLN B 19 -10.89 -0.15 -8.09
CA GLN B 19 -11.63 0.91 -8.78
C GLN B 19 -12.45 1.76 -7.81
N ILE B 20 -12.98 1.14 -6.75
CA ILE B 20 -13.83 1.86 -5.80
C ILE B 20 -13.16 3.11 -5.23
N LEU B 21 -11.82 3.13 -5.17
CA LEU B 21 -11.10 4.23 -4.54
C LEU B 21 -10.67 5.33 -5.50
N MET B 22 -10.84 5.14 -6.81
CA MET B 22 -10.37 6.17 -7.73
C MET B 22 -11.06 7.51 -7.49
N PRO B 23 -12.38 7.58 -7.30
CA PRO B 23 -12.99 8.90 -7.00
C PRO B 23 -12.41 9.57 -5.77
N ALA B 24 -12.09 8.82 -4.71
CA ALA B 24 -11.45 9.43 -3.54
C ALA B 24 -10.10 10.03 -3.91
N LEU B 25 -9.30 9.31 -4.69
CA LEU B 25 -8.01 9.83 -5.10
C LEU B 25 -8.17 11.06 -5.99
N ASN B 26 -9.12 11.04 -6.92
CA ASN B 26 -9.36 12.19 -7.78
C ASN B 26 -9.83 13.39 -6.97
N GLN B 27 -10.73 13.18 -6.01
CA GLN B 27 -11.19 14.28 -5.15
C GLN B 27 -10.02 14.86 -4.37
N LEU B 28 -9.15 14.01 -3.84
CA LEU B 28 -8.02 14.48 -3.08
C LEU B 28 -7.07 15.30 -3.95
N GLU B 29 -6.76 14.79 -5.15
CA GLU B 29 -5.93 15.55 -6.06
C GLU B 29 -6.53 16.92 -6.33
N GLU B 30 -7.82 16.95 -6.65
CA GLU B 30 -8.48 18.21 -6.96
CA GLU B 30 -8.48 18.21 -6.96
C GLU B 30 -8.41 19.17 -5.77
N ALA B 31 -8.65 18.65 -4.56
CA ALA B 31 -8.62 19.51 -3.39
C ALA B 31 -7.21 20.05 -3.16
N PHE B 32 -6.20 19.23 -3.40
CA PHE B 32 -4.82 19.67 -3.24
C PHE B 32 -4.45 20.75 -4.24
N VAL B 33 -4.75 20.52 -5.52
CA VAL B 33 -4.46 21.54 -6.53
C VAL B 33 -5.12 22.86 -6.16
N SER B 34 -6.36 22.80 -5.69
CA SER B 34 -7.07 24.01 -5.32
C SER B 34 -6.45 24.67 -4.10
N ALA B 35 -6.10 23.87 -3.09
CA ALA B 35 -5.51 24.42 -1.87
C ALA B 35 -4.18 25.10 -2.16
N GLN B 36 -3.38 24.52 -3.06
CA GLN B 36 -2.07 25.08 -3.35
C GLN B 36 -2.16 26.46 -3.99
N LYS B 37 -3.28 26.78 -4.62
CA LYS B 37 -3.52 28.10 -5.20
CA LYS B 37 -3.53 28.09 -5.21
C LYS B 37 -4.30 29.01 -4.28
N ASP B 38 -4.65 28.55 -3.08
CA ASP B 38 -5.55 29.28 -2.20
C ASP B 38 -4.73 30.00 -1.13
N PRO B 39 -4.66 31.34 -1.16
CA PRO B 39 -3.81 32.03 -0.16
C PRO B 39 -4.31 31.87 1.25
N GLU B 40 -5.61 31.66 1.45
CA GLU B 40 -6.12 31.43 2.80
C GLU B 40 -5.64 30.08 3.34
N PHE B 41 -5.67 29.03 2.51
CA PHE B 41 -5.14 27.75 2.94
C PHE B 41 -3.66 27.85 3.25
N GLN B 42 -2.89 28.49 2.35
CA GLN B 42 -1.46 28.63 2.59
C GLN B 42 -1.18 29.40 3.87
N ALA B 43 -1.99 30.43 4.15
CA ALA B 43 -1.78 31.22 5.36
C ALA B 43 -2.08 30.41 6.61
N GLN B 44 -3.15 29.59 6.59
CA GLN B 44 -3.47 28.80 7.76
C GLN B 44 -2.41 27.73 8.00
N PHE B 45 -1.99 27.03 6.93
CA PHE B 45 -0.93 26.05 7.02
C PHE B 45 0.35 26.68 7.58
N ALA B 46 0.74 27.84 7.04
CA ALA B 46 1.93 28.51 7.53
C ALA B 46 1.81 28.87 9.00
N ASP B 47 0.64 29.36 9.41
CA ASP B 47 0.44 29.74 10.80
C ASP B 47 0.63 28.55 11.73
N LEU B 48 0.05 27.39 11.37
CA LEU B 48 0.21 26.19 12.17
C LEU B 48 1.68 25.76 12.20
N LEU B 49 2.33 25.77 11.05
CA LEU B 49 3.74 25.36 11.00
C LEU B 49 4.60 26.23 11.91
N LYS B 50 4.39 27.55 11.88
CA LYS B 50 5.20 28.46 12.67
C LYS B 50 4.83 28.42 14.16
N ASN B 51 3.57 28.70 14.46
CA ASN B 51 3.15 29.02 15.82
C ASN B 51 2.66 27.81 16.61
N TYR B 52 2.41 26.70 15.95
CA TYR B 52 2.03 25.47 16.64
C TYR B 52 3.13 24.41 16.59
N ALA B 53 3.73 24.19 15.42
CA ALA B 53 4.73 23.15 15.27
C ALA B 53 6.15 23.64 15.55
N GLY B 54 6.42 24.92 15.40
CA GLY B 54 7.72 25.48 15.72
C GLY B 54 8.66 25.71 14.54
N ARG B 55 8.17 25.81 13.31
CA ARG B 55 9.04 26.14 12.19
C ARG B 55 9.40 27.63 12.23
N PRO B 56 10.59 27.99 11.72
CA PRO B 56 11.60 27.12 11.13
C PRO B 56 12.40 26.37 12.20
N THR B 57 12.92 25.21 11.84
CA THR B 57 13.77 24.43 12.72
C THR B 57 15.22 24.83 12.51
N ALA B 58 16.01 24.63 13.55
CA ALA B 58 17.40 25.02 13.53
C ALA B 58 18.20 24.17 12.54
N LEU B 59 19.33 24.72 12.11
CA LEU B 59 20.35 24.00 11.36
C LEU B 59 21.61 24.06 12.23
N THR B 60 21.99 22.91 12.79
CA THR B 60 23.00 22.85 13.83
C THR B 60 24.33 22.36 13.25
N LYS B 61 25.39 23.12 13.47
N LYS B 61 25.39 23.13 13.42
CA LYS B 61 26.73 22.67 13.05
CA LYS B 61 26.71 22.71 12.98
C LYS B 61 27.30 21.76 14.13
C LYS B 61 27.33 21.90 14.11
N CYS B 62 27.87 20.63 13.71
N CYS B 62 27.55 20.61 13.87
CA CYS B 62 28.36 19.62 14.65
CA CYS B 62 28.40 19.90 14.82
C CYS B 62 29.88 19.71 14.68
C CYS B 62 29.84 20.37 14.65
N GLN B 63 30.41 20.41 15.68
N GLN B 63 30.67 20.02 15.62
CA GLN B 63 31.83 20.72 15.77
CA GLN B 63 32.09 20.29 15.49
C GLN B 63 32.60 19.83 16.75
C GLN B 63 32.85 19.14 16.13
N ASN B 64 32.04 18.68 17.13
N ASN B 64 32.34 18.63 17.25
CA ASN B 64 32.81 17.67 17.84
CA ASN B 64 32.99 17.51 17.91
C ASN B 64 33.00 16.40 17.02
C ASN B 64 33.07 16.30 16.98
N ILE B 65 31.96 15.95 16.31
CA ILE B 65 32.01 14.70 15.59
CA ILE B 65 31.98 14.71 15.56
C ILE B 65 32.91 14.79 14.36
N THR B 66 33.14 15.99 13.83
CA THR B 66 33.95 16.16 12.64
C THR B 66 35.40 16.51 12.93
N ALA B 67 35.80 16.56 14.20
CA ALA B 67 37.13 16.98 14.59
C ALA B 67 38.19 16.14 13.89
N GLY B 68 39.24 16.81 13.45
CA GLY B 68 40.33 16.13 12.80
C GLY B 68 40.13 15.79 11.34
N THR B 69 39.01 16.20 10.73
CA THR B 69 38.72 15.94 9.33
C THR B 69 38.39 17.25 8.63
N ARG B 70 38.28 17.18 7.30
CA ARG B 70 37.87 18.34 6.51
C ARG B 70 36.37 18.31 6.16
N THR B 71 35.59 17.53 6.89
CA THR B 71 34.14 17.55 6.76
C THR B 71 33.54 18.60 7.69
N THR B 72 32.65 19.43 7.14
CA THR B 72 31.77 20.28 7.93
C THR B 72 30.38 19.67 7.82
N LEU B 73 29.75 19.42 8.97
CA LEU B 73 28.49 18.69 9.03
C LEU B 73 27.45 19.52 9.77
N TYR B 74 26.35 19.82 9.08
CA TYR B 74 25.18 20.42 9.68
C TYR B 74 24.07 19.37 9.80
N LEU B 75 23.26 19.50 10.85
CA LEU B 75 22.07 18.69 11.03
C LEU B 75 20.84 19.59 10.92
N LYS B 76 19.92 19.23 10.06
CA LYS B 76 18.63 19.90 10.01
C LYS B 76 17.73 19.32 11.09
N ARG B 77 17.27 20.16 12.02
CA ARG B 77 16.75 19.72 13.30
C ARG B 77 15.22 19.52 13.27
N GLU B 78 14.77 18.58 12.43
CA GLU B 78 13.37 18.20 12.47
C GLU B 78 13.01 17.51 13.77
N ASP B 79 14.02 17.03 14.51
CA ASP B 79 13.79 16.49 15.84
C ASP B 79 13.24 17.54 16.80
N LEU B 80 13.36 18.84 16.47
CA LEU B 80 12.83 19.89 17.33
C LEU B 80 11.40 20.31 16.96
N LEU B 81 10.84 19.76 15.89
CA LEU B 81 9.45 20.02 15.55
C LEU B 81 8.52 19.44 16.61
N HIS B 82 7.37 20.09 16.80
CA HIS B 82 6.38 19.58 17.74
C HIS B 82 6.03 18.16 17.33
N GLY B 83 6.05 17.24 18.31
CA GLY B 83 5.83 15.83 18.09
C GLY B 83 7.10 15.03 17.98
N GLY B 84 8.21 15.68 17.65
CA GLY B 84 9.51 15.05 17.67
C GLY B 84 10.01 14.53 16.34
N ALA B 85 9.36 14.89 15.24
CA ALA B 85 9.85 14.45 13.95
C ALA B 85 9.18 15.24 12.82
N HIS B 86 9.71 15.08 11.61
CA HIS B 86 9.21 15.80 10.44
C HIS B 86 7.77 15.44 10.10
N LYS B 87 7.26 14.30 10.57
CA LYS B 87 5.91 13.90 10.21
C LYS B 87 4.88 14.99 10.47
N THR B 88 5.11 15.83 11.46
CA THR B 88 4.14 16.86 11.83
C THR B 88 3.89 17.84 10.69
N ASN B 89 4.88 18.11 9.84
CA ASN B 89 4.68 19.02 8.73
C ASN B 89 3.50 18.60 7.88
N GLN B 90 3.54 17.37 7.37
CA GLN B 90 2.57 16.93 6.36
CA GLN B 90 2.56 16.98 6.35
C GLN B 90 1.21 16.62 6.97
N VAL B 91 1.17 16.14 8.21
CA VAL B 91 -0.12 15.86 8.83
C VAL B 91 -0.93 17.14 8.98
N LEU B 92 -0.28 18.25 9.30
CA LEU B 92 -0.99 19.52 9.39
C LEU B 92 -1.61 19.88 8.04
N GLY B 93 -0.84 19.75 6.96
CA GLY B 93 -1.39 20.04 5.64
C GLY B 93 -2.49 19.07 5.24
N GLN B 94 -2.27 17.78 5.49
CA GLN B 94 -3.26 16.77 5.12
C GLN B 94 -4.53 16.91 5.96
N ALA B 95 -4.40 17.28 7.23
CA ALA B 95 -5.60 17.50 8.03
C ALA B 95 -6.41 18.66 7.49
N LEU B 96 -5.74 19.75 7.10
CA LEU B 96 -6.43 20.88 6.50
C LEU B 96 -7.09 20.49 5.17
N LEU B 97 -6.44 19.63 4.40
CA LEU B 97 -7.08 19.12 3.19
C LEU B 97 -8.32 18.31 3.53
N ALA B 98 -8.22 17.45 4.55
CA ALA B 98 -9.35 16.63 4.97
C ALA B 98 -10.54 17.51 5.36
N LYS B 99 -10.30 18.58 6.12
CA LYS B 99 -11.38 19.50 6.46
C LYS B 99 -11.89 20.22 5.22
N ARG B 100 -10.99 20.61 4.33
CA ARG B 100 -11.41 21.26 3.09
C ARG B 100 -12.36 20.37 2.29
N MET B 101 -12.20 19.06 2.40
CA MET B 101 -13.04 18.12 1.66
C MET B 101 -14.25 17.69 2.46
N GLY B 102 -14.45 18.23 3.66
CA GLY B 102 -15.60 17.88 4.45
C GLY B 102 -15.52 16.53 5.13
N LYS B 103 -14.32 16.00 5.33
CA LYS B 103 -14.15 14.74 6.03
CA LYS B 103 -14.14 14.73 6.03
C LYS B 103 -14.00 15.00 7.53
N SER B 104 -14.57 14.09 8.33
CA SER B 104 -14.56 14.22 9.79
C SER B 104 -13.67 13.21 10.48
N GLU B 105 -13.17 12.22 9.77
CA GLU B 105 -12.38 11.15 10.36
C GLU B 105 -11.07 11.01 9.62
N ILE B 106 -10.08 10.45 10.32
CA ILE B 106 -8.73 10.24 9.81
C ILE B 106 -8.35 8.78 10.03
N ILE B 107 -7.82 8.15 8.99
CA ILE B 107 -7.15 6.85 9.08
C ILE B 107 -5.66 7.08 8.89
N ALA B 108 -4.84 6.44 9.71
CA ALA B 108 -3.40 6.54 9.51
C ALA B 108 -2.72 5.23 9.93
N GLU B 109 -1.63 4.90 9.24
CA GLU B 109 -0.76 3.79 9.63
C GLU B 109 0.45 4.36 10.38
N THR B 110 1.10 3.49 11.17
CA THR B 110 2.37 3.88 11.78
C THR B 110 3.22 2.65 12.08
N GLY B 111 4.54 2.88 12.11
N GLY B 111 4.53 2.86 12.09
CA GLY B 111 5.47 1.81 12.45
CA GLY B 111 5.48 1.82 12.44
C GLY B 111 5.93 1.89 13.88
C GLY B 111 6.30 2.21 13.63
N ALA B 112 6.90 2.76 14.16
N ALA B 112 7.01 3.33 13.53
CA ALA B 112 7.37 2.97 15.52
CA ALA B 112 7.71 3.90 14.67
C ALA B 112 6.41 3.84 16.31
C ALA B 112 6.78 4.55 15.68
N GLY B 113 5.48 4.53 15.65
N GLY B 113 5.47 4.55 15.43
CA GLY B 113 4.49 5.37 16.29
CA GLY B 113 4.54 5.32 16.22
C GLY B 113 4.62 6.85 16.01
C GLY B 113 4.67 6.81 16.04
N GLN B 114 5.64 7.27 15.25
CA GLN B 114 5.87 8.70 15.05
C GLN B 114 4.79 9.33 14.20
N HIS B 115 4.45 8.72 13.05
CA HIS B 115 3.34 9.24 12.25
C HIS B 115 2.01 9.09 13.00
N GLY B 116 1.89 8.04 13.81
CA GLY B 116 0.70 7.90 14.63
C GLY B 116 0.54 9.06 15.59
N VAL B 117 1.62 9.41 16.29
CA VAL B 117 1.60 10.54 17.22
C VAL B 117 1.26 11.83 16.48
N ALA B 118 1.89 12.03 15.32
CA ALA B 118 1.62 13.22 14.51
C ALA B 118 0.17 13.28 14.06
N SER B 119 -0.34 12.17 13.52
N SER B 119 -0.34 12.16 13.55
CA SER B 119 -1.74 12.14 13.12
CA SER B 119 -1.74 12.13 13.12
C SER B 119 -2.66 12.41 14.30
C SER B 119 -2.67 12.38 14.29
N ALA B 120 -2.36 11.82 15.47
CA ALA B 120 -3.20 12.01 16.62
C ALA B 120 -3.21 13.46 17.07
N LEU B 121 -2.04 14.11 17.06
CA LEU B 121 -1.97 15.48 17.57
C LEU B 121 -2.65 16.46 16.62
N ALA B 122 -2.48 16.26 15.31
CA ALA B 122 -3.16 17.14 14.36
C ALA B 122 -4.67 16.96 14.45
N SER B 123 -5.13 15.72 14.63
CA SER B 123 -6.56 15.47 14.73
C SER B 123 -7.13 16.09 15.99
N ALA B 124 -6.38 16.04 17.09
CA ALA B 124 -6.86 16.65 18.33
C ALA B 124 -6.99 18.16 18.16
N LEU B 125 -5.97 18.79 17.56
CA LEU B 125 -6.01 20.23 17.36
C LEU B 125 -7.16 20.64 16.45
N LEU B 126 -7.35 19.92 15.34
CA LEU B 126 -8.21 20.36 14.26
C LEU B 126 -9.59 19.68 14.27
N GLY B 127 -9.90 18.92 15.31
CA GLY B 127 -11.26 18.42 15.50
C GLY B 127 -11.65 17.25 14.61
N LEU B 128 -10.75 16.30 14.40
CA LEU B 128 -10.98 15.13 13.58
C LEU B 128 -10.89 13.88 14.45
N LYS B 129 -11.65 12.86 14.08
CA LYS B 129 -11.66 11.58 14.79
C LYS B 129 -10.66 10.63 14.14
N CYS B 130 -9.62 10.28 14.88
CA CYS B 130 -8.44 9.64 14.32
C CYS B 130 -8.33 8.19 14.79
N ARG B 131 -8.10 7.28 13.84
CA ARG B 131 -7.84 5.87 14.15
C ARG B 131 -6.56 5.45 13.45
N ILE B 132 -5.69 4.75 14.17
CA ILE B 132 -4.32 4.46 13.74
C ILE B 132 -4.14 2.95 13.74
N TYR B 133 -3.67 2.41 12.60
CA TYR B 133 -3.30 1.01 12.49
C TYR B 133 -1.82 0.87 12.75
N MET B 134 -1.46 -0.12 13.58
CA MET B 134 -0.08 -0.33 13.97
C MET B 134 0.16 -1.82 14.11
N GLY B 135 1.22 -2.31 13.49
CA GLY B 135 1.57 -3.72 13.60
C GLY B 135 1.67 -4.14 15.05
N ALA B 136 1.11 -5.31 15.37
CA ALA B 136 1.04 -5.75 16.76
C ALA B 136 2.42 -5.90 17.37
N LYS B 137 3.41 -6.32 16.59
CA LYS B 137 4.77 -6.40 17.11
C LYS B 137 5.30 -5.01 17.45
N ASP B 138 4.92 -4.01 16.64
CA ASP B 138 5.30 -2.64 16.96
C ASP B 138 4.52 -2.13 18.18
N VAL B 139 3.23 -2.46 18.27
CA VAL B 139 2.45 -2.08 19.46
C VAL B 139 3.11 -2.61 20.72
N GLU B 140 3.48 -3.90 20.72
CA GLU B 140 4.07 -4.51 21.89
C GLU B 140 5.35 -3.79 22.29
N ARG B 141 6.13 -3.34 21.30
CA ARG B 141 7.43 -2.73 21.55
C ARG B 141 7.36 -1.23 21.71
N GLN B 142 6.22 -0.61 21.40
CA GLN B 142 6.08 0.85 21.40
C GLN B 142 4.91 1.28 22.28
N SER B 143 4.71 0.61 23.42
CA SER B 143 3.58 0.97 24.26
C SER B 143 3.60 2.43 24.68
N PRO B 144 4.75 3.08 24.85
CA PRO B 144 4.71 4.52 25.16
C PRO B 144 4.06 5.36 24.08
N ASN B 145 4.48 5.21 22.81
CA ASN B 145 3.87 6.01 21.76
C ASN B 145 2.40 5.66 21.58
N VAL B 146 2.04 4.40 21.82
CA VAL B 146 0.63 4.01 21.78
C VAL B 146 -0.16 4.79 22.82
N PHE B 147 0.36 4.89 24.03
CA PHE B 147 -0.35 5.59 25.08
C PHE B 147 -0.43 7.09 24.78
N ARG B 148 0.63 7.66 24.20
CA ARG B 148 0.59 9.04 23.75
C ARG B 148 -0.53 9.27 22.74
N MET B 149 -0.59 8.42 21.71
CA MET B 149 -1.69 8.52 20.76
C MET B 149 -3.04 8.47 21.46
N ARG B 150 -3.19 7.55 22.42
CA ARG B 150 -4.48 7.41 23.08
C ARG B 150 -4.77 8.59 24.02
N LEU B 151 -3.74 9.14 24.67
CA LEU B 151 -3.93 10.34 25.47
C LEU B 151 -4.48 11.48 24.63
N MET B 152 -4.07 11.56 23.37
CA MET B 152 -4.55 12.60 22.46
C MET B 152 -5.86 12.22 21.78
N GLY B 153 -6.50 11.15 22.21
CA GLY B 153 -7.84 10.81 21.77
C GLY B 153 -7.91 9.92 20.54
N ALA B 154 -6.78 9.44 20.03
CA ALA B 154 -6.79 8.55 18.88
C ALA B 154 -7.13 7.12 19.31
N GLU B 155 -7.79 6.38 18.42
CA GLU B 155 -7.98 4.95 18.56
C GLU B 155 -6.81 4.24 17.89
N VAL B 156 -6.15 3.33 18.61
CA VAL B 156 -5.02 2.59 18.09
C VAL B 156 -5.42 1.13 17.95
N ILE B 157 -5.26 0.60 16.74
CA ILE B 157 -5.77 -0.74 16.38
C ILE B 157 -4.58 -1.63 16.05
N PRO B 158 -4.23 -2.60 16.92
CA PRO B 158 -3.14 -3.52 16.58
C PRO B 158 -3.49 -4.38 15.37
N VAL B 159 -2.48 -4.67 14.56
CA VAL B 159 -2.61 -5.50 13.37
C VAL B 159 -1.73 -6.73 13.54
N HIS B 160 -2.35 -7.91 13.59
CA HIS B 160 -1.65 -9.15 13.89
C HIS B 160 -1.29 -9.96 12.65
N SER B 161 -1.62 -9.47 11.46
N SER B 161 -1.63 -9.48 11.46
CA SER B 161 -1.45 -10.22 10.23
CA SER B 161 -1.44 -10.25 10.25
C SER B 161 -0.04 -10.03 9.67
C SER B 161 -0.04 -10.04 9.69
N GLY B 162 0.38 -11.00 8.86
CA GLY B 162 1.68 -10.91 8.20
C GLY B 162 2.80 -10.83 9.20
N SER B 163 3.74 -9.91 8.95
CA SER B 163 4.84 -9.68 9.88
C SER B 163 4.42 -8.85 11.08
N ALA B 164 3.19 -8.33 11.11
CA ALA B 164 2.70 -7.52 12.22
C ALA B 164 3.54 -6.26 12.39
N THR B 165 4.01 -5.70 11.28
CA THR B 165 4.77 -4.47 11.27
C THR B 165 4.11 -3.48 10.31
N LEU B 166 4.90 -2.52 9.82
CA LEU B 166 4.38 -1.38 9.09
C LEU B 166 3.61 -1.78 7.83
N LYS B 167 4.20 -2.65 7.00
CA LYS B 167 3.51 -3.06 5.77
C LYS B 167 2.11 -3.56 6.08
N ASP B 168 1.96 -4.26 7.20
CA ASP B 168 0.68 -4.85 7.56
C ASP B 168 -0.28 -3.78 8.05
N ALA B 169 0.21 -2.82 8.83
CA ALA B 169 -0.58 -1.63 9.13
C ALA B 169 -0.99 -0.90 7.86
N CYS B 170 -0.09 -0.75 6.89
N CYS B 170 -0.09 -0.78 6.89
CA CYS B 170 -0.44 -0.14 5.62
CA CYS B 170 -0.44 -0.14 5.62
C CYS B 170 -1.62 -0.87 4.98
C CYS B 170 -1.61 -0.87 4.95
N ASN B 171 -1.53 -2.20 4.87
CA ASN B 171 -2.60 -2.96 4.25
C ASN B 171 -3.94 -2.70 4.92
N GLU B 172 -3.98 -2.77 6.25
CA GLU B 172 -5.25 -2.62 6.96
C GLU B 172 -5.82 -1.22 6.79
N ALA B 173 -4.98 -0.19 6.84
CA ALA B 173 -5.45 1.17 6.63
C ALA B 173 -6.13 1.31 5.27
N LEU B 174 -5.55 0.70 4.24
CA LEU B 174 -6.13 0.82 2.90
C LEU B 174 -7.40 0.00 2.77
N ARG B 175 -7.45 -1.19 3.40
CA ARG B 175 -8.70 -1.93 3.47
C ARG B 175 -9.79 -1.09 4.15
N ASP B 176 -9.44 -0.44 5.25
CA ASP B 176 -10.40 0.40 5.96
C ASP B 176 -10.91 1.51 5.05
N TRP B 177 -9.99 2.26 4.45
CA TRP B 177 -10.36 3.38 3.60
C TRP B 177 -11.29 2.94 2.48
N SER B 178 -11.03 1.76 1.91
N SER B 178 -11.05 1.75 1.93
CA SER B 178 -11.87 1.26 0.82
CA SER B 178 -11.87 1.27 0.81
C SER B 178 -13.35 1.32 1.21
C SER B 178 -13.32 1.04 1.20
N GLY B 179 -13.66 1.10 2.47
CA GLY B 179 -15.04 1.06 2.92
C GLY B 179 -15.48 2.26 3.74
N SER B 180 -14.63 3.29 3.84
CA SER B 180 -14.99 4.45 4.66
C SER B 180 -14.61 5.79 4.02
N TYR B 181 -14.29 5.81 2.72
CA TYR B 181 -13.75 7.02 2.10
C TYR B 181 -14.76 8.17 2.08
N GLU B 182 -16.05 7.90 2.17
CA GLU B 182 -17.04 8.98 2.15
C GLU B 182 -16.88 9.90 3.36
N THR B 183 -16.44 9.35 4.50
CA THR B 183 -16.32 10.13 5.72
C THR B 183 -14.89 10.25 6.24
N ALA B 184 -13.97 9.41 5.79
CA ALA B 184 -12.62 9.37 6.32
C ALA B 184 -11.61 9.74 5.26
N HIS B 185 -10.63 10.56 5.64
CA HIS B 185 -9.46 10.82 4.82
C HIS B 185 -8.36 9.89 5.28
N TYR B 186 -7.70 9.22 4.32
CA TYR B 186 -6.55 8.38 4.63
C TYR B 186 -5.31 9.28 4.67
N MET B 187 -4.77 9.46 5.87
CA MET B 187 -3.58 10.30 6.09
CA MET B 187 -3.59 10.31 6.06
C MET B 187 -2.33 9.44 5.95
N LEU B 188 -2.03 9.06 4.71
CA LEU B 188 -0.87 8.22 4.41
C LEU B 188 0.39 8.91 4.92
N GLY B 189 1.27 8.13 5.56
CA GLY B 189 2.38 8.69 6.29
C GLY B 189 3.68 8.86 5.53
N THR B 190 3.74 8.58 4.24
CA THR B 190 5.00 8.71 3.52
C THR B 190 4.75 9.12 2.08
N ALA B 191 5.84 9.42 1.38
CA ALA B 191 5.77 9.83 -0.01
C ALA B 191 5.72 8.60 -0.92
N ALA B 192 4.69 7.79 -0.70
CA ALA B 192 4.51 6.57 -1.46
C ALA B 192 3.01 6.30 -1.56
N GLY B 193 2.66 5.12 -2.04
CA GLY B 193 1.28 4.82 -2.30
C GLY B 193 0.82 5.41 -3.62
N PRO B 194 -0.50 5.39 -3.85
CA PRO B 194 -1.03 5.83 -5.13
C PRO B 194 -0.98 7.35 -5.26
N HIS B 195 -0.85 7.82 -6.48
CA HIS B 195 -1.05 9.23 -6.76
C HIS B 195 -2.41 9.65 -6.21
N PRO B 196 -2.53 10.83 -5.58
CA PRO B 196 -1.53 11.89 -5.48
C PRO B 196 -0.64 11.94 -4.23
N TYR B 197 -0.59 10.87 -3.45
CA TYR B 197 0.12 10.93 -2.18
C TYR B 197 1.60 11.26 -2.32
N PRO B 198 2.36 10.63 -3.25
CA PRO B 198 3.79 10.98 -3.34
C PRO B 198 4.01 12.46 -3.62
N THR B 199 3.14 13.06 -4.41
CA THR B 199 3.25 14.48 -4.73
C THR B 199 2.84 15.35 -3.55
N ILE B 200 1.70 15.06 -2.95
CA ILE B 200 1.21 15.84 -1.81
C ILE B 200 2.22 15.81 -0.67
N VAL B 201 2.74 14.62 -0.35
CA VAL B 201 3.64 14.52 0.80
C VAL B 201 4.93 15.30 0.53
N ARG B 202 5.46 15.22 -0.69
CA ARG B 202 6.63 16.02 -1.04
C ARG B 202 6.35 17.51 -0.85
N GLU B 203 5.21 18.00 -1.36
CA GLU B 203 4.96 19.42 -1.32
C GLU B 203 4.72 19.91 0.09
N PHE B 204 4.17 19.07 0.96
CA PHE B 204 3.97 19.42 2.35
C PHE B 204 5.17 19.11 3.23
N GLN B 205 6.27 18.61 2.64
CA GLN B 205 7.53 18.45 3.36
C GLN B 205 8.67 19.29 2.78
N ARG B 206 8.44 20.03 1.68
CA ARG B 206 9.55 20.65 0.98
C ARG B 206 10.10 21.88 1.71
N MET B 207 9.41 22.38 2.73
CA MET B 207 10.01 23.42 3.55
C MET B 207 11.30 22.97 4.22
N ILE B 208 11.49 21.67 4.41
CA ILE B 208 12.76 21.18 5.00
C ILE B 208 13.94 21.66 4.16
N GLY B 209 13.93 21.31 2.87
CA GLY B 209 15.03 21.70 2.01
C GLY B 209 15.06 23.19 1.77
N GLU B 210 13.89 23.82 1.64
CA GLU B 210 13.86 25.26 1.43
C GLU B 210 14.55 26.00 2.57
N GLU B 211 14.20 25.64 3.80
CA GLU B 211 14.85 26.26 4.96
C GLU B 211 16.33 25.94 4.96
N THR B 212 16.67 24.66 4.74
CA THR B 212 18.06 24.23 4.74
C THR B 212 18.88 25.05 3.77
N LYS B 213 18.35 25.26 2.55
CA LYS B 213 19.08 26.05 1.57
C LYS B 213 19.32 27.45 2.09
N ALA B 214 18.29 28.11 2.59
CA ALA B 214 18.45 29.47 3.10
C ALA B 214 19.44 29.52 4.25
N GLN B 215 19.36 28.54 5.16
CA GLN B 215 20.22 28.53 6.32
C GLN B 215 21.67 28.28 5.96
N ILE B 216 21.92 27.33 5.05
CA ILE B 216 23.30 27.06 4.64
C ILE B 216 23.88 28.25 3.88
N LEU B 217 23.08 28.90 3.02
CA LEU B 217 23.57 30.08 2.33
C LEU B 217 23.97 31.17 3.33
N ASP B 218 23.15 31.36 4.36
CA ASP B 218 23.43 32.39 5.36
C ASP B 218 24.71 32.09 6.13
N LYS B 219 24.92 30.82 6.48
N LYS B 219 24.92 30.82 6.48
N LYS B 219 24.92 30.82 6.48
CA LYS B 219 26.03 30.42 7.35
CA LYS B 219 26.04 30.44 7.34
CA LYS B 219 26.04 30.44 7.34
C LYS B 219 27.31 30.13 6.59
C LYS B 219 27.32 30.18 6.56
C LYS B 219 27.32 30.15 6.57
N GLU B 220 27.22 29.58 5.37
CA GLU B 220 28.39 29.18 4.61
C GLU B 220 28.56 29.90 3.28
N GLY B 221 27.55 30.62 2.81
CA GLY B 221 27.66 31.35 1.56
C GLY B 221 27.68 30.51 0.32
N ARG B 222 27.19 29.28 0.40
CA ARG B 222 27.23 28.37 -0.73
C ARG B 222 26.29 27.22 -0.41
N LEU B 223 26.02 26.40 -1.42
CA LEU B 223 25.15 25.24 -1.25
C LEU B 223 25.95 24.06 -0.66
N PRO B 224 25.26 23.09 -0.08
CA PRO B 224 25.97 21.91 0.41
C PRO B 224 26.57 21.14 -0.75
N ASP B 225 27.63 20.38 -0.46
CA ASP B 225 28.10 19.38 -1.42
C ASP B 225 27.14 18.20 -1.52
N ALA B 226 26.50 17.83 -0.42
CA ALA B 226 25.50 16.77 -0.43
C ALA B 226 24.54 16.94 0.75
N VAL B 227 23.31 16.52 0.54
CA VAL B 227 22.30 16.38 1.58
C VAL B 227 21.96 14.90 1.68
N ILE B 228 21.81 14.43 2.91
CA ILE B 228 21.76 13.00 3.23
C ILE B 228 20.54 12.75 4.12
N ALA B 229 19.71 11.79 3.72
CA ALA B 229 18.48 11.51 4.48
C ALA B 229 18.18 10.02 4.43
N CYS B 230 17.60 9.50 5.51
CA CYS B 230 17.18 8.10 5.49
C CYS B 230 15.91 7.96 4.67
N VAL B 231 15.69 6.75 4.15
CA VAL B 231 14.58 6.45 3.24
C VAL B 231 13.89 5.18 3.72
N GLY B 232 12.69 5.33 4.27
CA GLY B 232 11.88 4.17 4.60
C GLY B 232 10.73 4.06 3.61
N GLY B 233 9.97 5.14 3.48
CA GLY B 233 9.02 5.32 2.42
C GLY B 233 9.40 6.48 1.49
N GLY B 234 10.05 7.50 2.05
CA GLY B 234 10.57 8.58 1.24
C GLY B 234 10.20 10.00 1.61
N SER B 235 9.43 10.23 2.69
CA SER B 235 8.91 11.56 2.95
CA SER B 235 8.91 11.56 2.98
C SER B 235 10.01 12.51 3.43
N ASN B 236 10.75 12.14 4.48
CA ASN B 236 11.75 13.09 4.98
C ASN B 236 12.81 13.35 3.91
N ALA B 237 13.19 12.32 3.14
CA ALA B 237 14.24 12.51 2.14
C ALA B 237 13.77 13.41 1.00
N ILE B 238 12.55 13.21 0.50
CA ILE B 238 12.10 14.08 -0.60
C ILE B 238 11.83 15.50 -0.09
N GLY B 239 11.47 15.65 1.20
CA GLY B 239 11.30 16.99 1.73
C GLY B 239 12.60 17.76 1.75
N MET B 240 13.70 17.08 2.07
CA MET B 240 15.02 17.70 2.02
C MET B 240 15.50 17.88 0.58
N PHE B 241 15.29 16.88 -0.27
CA PHE B 241 15.84 16.89 -1.62
C PHE B 241 15.16 17.92 -2.52
N ALA B 242 13.85 18.10 -2.37
CA ALA B 242 13.04 18.70 -3.42
C ALA B 242 13.62 20.03 -3.92
N ASP B 243 13.93 20.94 -3.01
CA ASP B 243 14.35 22.26 -3.42
C ASP B 243 15.76 22.29 -4.00
N PHE B 244 16.52 21.20 -3.86
CA PHE B 244 17.86 21.09 -4.40
C PHE B 244 17.93 20.34 -5.73
N ILE B 245 16.82 19.80 -6.21
CA ILE B 245 16.88 18.91 -7.38
C ILE B 245 17.47 19.64 -8.58
N ASN B 246 17.10 20.92 -8.75
CA ASN B 246 17.60 21.70 -9.88
C ASN B 246 18.98 22.29 -9.62
N ASP B 247 19.53 22.14 -8.41
CA ASP B 247 20.90 22.54 -8.11
C ASP B 247 21.79 21.34 -8.36
N THR B 248 22.26 21.21 -9.60
CA THR B 248 22.89 19.98 -10.04
C THR B 248 24.17 19.66 -9.29
N SER B 249 24.82 20.66 -8.67
CA SER B 249 26.03 20.41 -7.92
C SER B 249 25.78 19.77 -6.57
N VAL B 250 24.53 19.73 -6.11
CA VAL B 250 24.23 19.25 -4.77
C VAL B 250 23.90 17.76 -4.86
N GLY B 251 24.72 16.95 -4.22
CA GLY B 251 24.44 15.53 -4.15
C GLY B 251 23.22 15.25 -3.28
N LEU B 252 22.42 14.31 -3.72
CA LEU B 252 21.25 13.86 -2.98
C LEU B 252 21.49 12.39 -2.64
N ILE B 253 21.59 12.09 -1.35
CA ILE B 253 21.95 10.75 -0.89
C ILE B 253 20.86 10.24 0.03
N GLY B 254 20.24 9.13 -0.37
CA GLY B 254 19.23 8.47 0.45
C GLY B 254 19.78 7.17 1.03
N VAL B 255 19.41 6.88 2.28
CA VAL B 255 19.98 5.77 3.03
C VAL B 255 18.85 4.83 3.41
N GLU B 256 18.81 3.65 2.82
CA GLU B 256 17.89 2.58 3.17
C GLU B 256 18.48 1.75 4.30
N PRO B 257 17.65 1.07 5.07
CA PRO B 257 18.17 0.18 6.12
C PRO B 257 18.76 -1.10 5.55
N GLY B 258 20.00 -1.39 5.94
CA GLY B 258 20.61 -2.66 5.63
C GLY B 258 20.32 -3.76 6.61
N GLY B 259 19.62 -3.43 7.71
CA GLY B 259 19.25 -4.45 8.68
C GLY B 259 20.46 -5.24 9.18
N HIS B 260 20.35 -6.57 9.11
CA HIS B 260 21.46 -7.42 9.53
C HIS B 260 22.53 -7.58 8.47
N GLY B 261 22.39 -6.90 7.34
CA GLY B 261 23.30 -7.02 6.19
C GLY B 261 22.48 -7.41 4.96
N ILE B 262 22.77 -6.72 3.84
CA ILE B 262 22.05 -7.02 2.61
C ILE B 262 22.13 -8.50 2.29
N GLU B 263 23.29 -9.10 2.49
CA GLU B 263 23.51 -10.50 2.13
C GLU B 263 22.67 -11.47 2.97
N THR B 264 22.12 -11.02 4.12
CA THR B 264 21.28 -11.88 4.93
C THR B 264 19.83 -11.94 4.42
N GLY B 265 19.44 -11.04 3.53
CA GLY B 265 18.04 -10.90 3.16
C GLY B 265 17.19 -10.21 4.19
N GLU B 266 17.73 -9.90 5.38
CA GLU B 266 16.97 -9.25 6.45
C GLU B 266 17.35 -7.78 6.45
N HIS B 267 16.62 -7.01 5.66
CA HIS B 267 16.91 -5.59 5.43
C HIS B 267 15.65 -4.92 4.89
N GLY B 268 15.76 -3.63 4.63
CA GLY B 268 14.66 -2.89 4.06
C GLY B 268 15.13 -2.00 2.94
N ALA B 269 15.83 -2.57 1.97
CA ALA B 269 16.50 -1.80 0.92
C ALA B 269 16.00 -2.23 -0.46
N PRO B 270 14.69 -2.03 -0.74
CA PRO B 270 14.15 -2.39 -2.06
C PRO B 270 14.66 -1.53 -3.19
N LEU B 271 14.97 -0.25 -2.95
CA LEU B 271 15.36 0.61 -4.06
C LEU B 271 16.60 0.06 -4.76
N LYS B 272 17.58 -0.41 -3.99
CA LYS B 272 18.82 -0.92 -4.56
C LYS B 272 18.91 -2.44 -4.62
N HIS B 273 18.07 -3.16 -3.87
CA HIS B 273 18.19 -4.60 -3.75
C HIS B 273 16.88 -5.33 -3.99
N GLY B 274 15.82 -4.63 -4.40
CA GLY B 274 14.60 -5.26 -4.84
C GLY B 274 14.45 -5.17 -6.35
N ARG B 275 13.21 -5.32 -6.80
CA ARG B 275 12.89 -5.10 -8.21
C ARG B 275 11.47 -4.58 -8.35
N VAL B 276 11.22 -3.97 -9.50
CA VAL B 276 9.96 -3.27 -9.69
CA VAL B 276 9.95 -3.28 -9.71
C VAL B 276 8.79 -4.25 -9.57
N GLY B 277 7.74 -3.80 -8.88
CA GLY B 277 6.52 -4.57 -8.74
C GLY B 277 5.37 -3.61 -8.58
N ILE B 278 4.17 -4.17 -8.37
CA ILE B 278 2.96 -3.38 -8.17
C ILE B 278 2.35 -3.79 -6.83
N TYR B 279 2.26 -2.84 -5.90
N TYR B 279 2.33 -2.88 -5.88
CA TYR B 279 1.75 -3.12 -4.56
CA TYR B 279 1.56 -3.06 -4.65
C TYR B 279 1.56 -1.79 -3.84
C TYR B 279 1.63 -1.76 -3.87
N PHE B 280 0.66 -1.79 -2.85
N PHE B 280 0.76 -1.65 -2.86
CA PHE B 280 0.35 -0.59 -2.06
CA PHE B 280 0.59 -0.43 -2.09
C PHE B 280 0.06 0.60 -2.96
C PHE B 280 -0.04 0.68 -2.92
N GLY B 281 -0.67 0.36 -4.04
CA GLY B 281 -1.18 1.37 -4.93
C GLY B 281 -0.23 1.96 -5.93
N MET B 282 0.98 1.42 -6.05
CA MET B 282 2.02 2.05 -6.86
C MET B 282 2.87 1.01 -7.56
N LYS B 283 3.46 1.43 -8.67
CA LYS B 283 4.52 0.68 -9.34
C LYS B 283 5.86 1.21 -8.82
N ALA B 284 6.59 0.38 -8.09
CA ALA B 284 7.76 0.85 -7.38
C ALA B 284 8.67 -0.34 -7.08
N PRO B 285 9.93 -0.09 -6.77
CA PRO B 285 10.81 -1.21 -6.35
C PRO B 285 10.27 -1.83 -5.07
N MET B 286 10.30 -3.16 -5.02
N MET B 286 10.29 -3.18 -5.06
CA MET B 286 9.90 -3.81 -3.79
CA MET B 286 9.78 -3.99 -3.97
C MET B 286 10.64 -5.12 -3.62
C MET B 286 10.79 -5.07 -3.62
N MET B 287 10.77 -5.51 -2.36
CA MET B 287 11.37 -6.78 -1.99
C MET B 287 10.33 -7.85 -2.27
N GLN B 288 10.66 -8.81 -3.14
CA GLN B 288 9.67 -9.79 -3.54
C GLN B 288 10.34 -11.11 -3.86
N THR B 289 9.58 -12.18 -3.73
CA THR B 289 10.08 -13.50 -4.07
C THR B 289 10.16 -13.62 -5.58
N ALA B 290 10.81 -14.70 -6.03
CA ALA B 290 10.89 -14.98 -7.46
C ALA B 290 9.50 -15.08 -8.07
N ASP B 291 8.52 -15.56 -7.30
N ASP B 291 8.52 -15.56 -7.31
CA ASP B 291 7.15 -15.73 -7.76
CA ASP B 291 7.16 -15.72 -7.83
C ASP B 291 6.34 -14.44 -7.78
C ASP B 291 6.29 -14.48 -7.65
N GLY B 292 6.84 -13.38 -7.15
CA GLY B 292 6.09 -12.14 -7.07
C GLY B 292 5.30 -11.93 -5.79
N GLN B 293 5.53 -12.75 -4.77
CA GLN B 293 4.99 -12.48 -3.45
C GLN B 293 5.84 -11.39 -2.82
N ILE B 294 5.19 -10.50 -2.05
CA ILE B 294 5.93 -9.42 -1.40
C ILE B 294 6.65 -9.99 -0.18
N GLU B 295 7.93 -9.71 -0.07
CA GLU B 295 8.72 -10.18 1.06
CA GLU B 295 8.72 -10.19 1.06
C GLU B 295 8.51 -9.28 2.27
N GLU B 296 8.79 -9.83 3.43
CA GLU B 296 8.82 -9.04 4.66
C GLU B 296 10.18 -8.36 4.78
N SER B 297 10.16 -7.12 5.21
CA SER B 297 11.41 -6.38 5.44
C SER B 297 11.87 -6.58 6.88
N TYR B 298 13.07 -6.07 7.19
CA TYR B 298 13.55 -6.05 8.56
C TYR B 298 14.45 -4.83 8.75
N SER B 299 14.34 -4.19 9.92
CA SER B 299 15.29 -3.19 10.35
C SER B 299 15.16 -3.04 11.87
N ILE B 300 16.27 -2.69 12.52
CA ILE B 300 16.20 -2.31 13.92
C ILE B 300 15.24 -1.15 14.11
N SER B 301 15.05 -0.33 13.07
CA SER B 301 14.23 0.86 13.13
C SER B 301 12.85 0.55 12.52
N ALA B 302 11.82 0.54 13.36
CA ALA B 302 10.48 0.22 12.89
C ALA B 302 9.94 1.22 11.89
N GLY B 303 10.49 2.45 11.87
CA GLY B 303 10.12 3.45 10.89
C GLY B 303 10.71 3.28 9.52
N LEU B 304 11.72 2.42 9.38
CA LEU B 304 12.29 2.10 8.08
C LEU B 304 11.93 0.68 7.64
N ASP B 305 11.04 0.01 8.37
CA ASP B 305 10.76 -1.40 8.15
C ASP B 305 9.61 -1.54 7.14
N PHE B 306 9.92 -1.18 5.88
CA PHE B 306 8.93 -1.25 4.80
C PHE B 306 9.56 -1.77 3.51
N PRO B 307 8.99 -2.81 2.89
CA PRO B 307 9.66 -3.45 1.76
C PRO B 307 9.45 -2.79 0.40
N SER B 308 9.00 -1.53 0.37
CA SER B 308 8.95 -0.74 -0.87
C SER B 308 9.45 0.66 -0.57
N VAL B 309 9.25 1.58 -1.52
CA VAL B 309 9.80 2.92 -1.46
C VAL B 309 9.03 3.78 -2.45
N GLY B 310 8.97 5.08 -2.19
CA GLY B 310 8.21 5.98 -3.03
C GLY B 310 8.76 6.09 -4.44
N PRO B 311 7.88 6.35 -5.41
CA PRO B 311 8.28 6.29 -6.81
C PRO B 311 9.21 7.41 -7.24
N GLN B 312 9.15 8.58 -6.59
CA GLN B 312 10.04 9.66 -7.04
C GLN B 312 11.49 9.33 -6.73
N HIS B 313 11.74 8.64 -5.61
CA HIS B 313 13.09 8.19 -5.32
C HIS B 313 13.55 7.16 -6.35
N ALA B 314 12.69 6.18 -6.65
CA ALA B 314 13.02 5.23 -7.70
C ALA B 314 13.39 5.94 -9.00
N TYR B 315 12.65 7.00 -9.35
CA TYR B 315 12.93 7.75 -10.56
C TYR B 315 14.24 8.53 -10.47
N LEU B 316 14.42 9.29 -9.38
CA LEU B 316 15.63 10.07 -9.20
C LEU B 316 16.87 9.18 -9.24
N ASN B 317 16.75 7.96 -8.73
CA ASN B 317 17.85 7.02 -8.83
C ASN B 317 18.08 6.59 -10.27
N SER B 318 17.00 6.21 -10.96
N SER B 318 17.01 6.21 -10.97
CA SER B 318 17.14 5.64 -12.30
CA SER B 318 17.16 5.65 -12.31
C SER B 318 17.86 6.60 -13.26
C SER B 318 17.91 6.60 -13.24
N ILE B 319 17.67 7.91 -13.08
CA ILE B 319 18.31 8.91 -13.93
C ILE B 319 19.64 9.39 -13.37
N GLY B 320 20.06 8.90 -12.21
CA GLY B 320 21.33 9.29 -11.62
C GLY B 320 21.34 10.63 -10.90
N ARG B 321 20.18 11.24 -10.69
CA ARG B 321 20.17 12.51 -9.97
C ARG B 321 20.41 12.30 -8.48
N ALA B 322 19.93 11.19 -7.94
CA ALA B 322 20.12 10.87 -6.53
C ALA B 322 20.78 9.50 -6.43
N ASP B 323 21.59 9.34 -5.39
CA ASP B 323 22.29 8.09 -5.11
C ASP B 323 21.76 7.50 -3.82
N TYR B 324 21.62 6.17 -3.79
CA TYR B 324 21.05 5.50 -2.64
C TYR B 324 22.02 4.44 -2.15
N VAL B 325 22.15 4.36 -0.85
CA VAL B 325 23.07 3.49 -0.14
C VAL B 325 22.31 2.82 0.99
N SER B 326 23.00 1.94 1.72
CA SER B 326 22.40 1.30 2.88
C SER B 326 23.35 1.31 4.07
N ILE B 327 22.75 1.26 5.26
CA ILE B 327 23.42 1.30 6.55
C ILE B 327 22.82 0.21 7.42
N THR B 328 23.66 -0.61 8.04
CA THR B 328 23.20 -1.73 8.85
C THR B 328 22.74 -1.28 10.24
N ASP B 329 22.04 -2.20 10.93
CA ASP B 329 21.66 -1.98 12.32
C ASP B 329 22.84 -1.49 13.15
N ASP B 330 23.97 -2.21 13.07
CA ASP B 330 25.11 -1.89 13.92
C ASP B 330 25.70 -0.52 13.57
N GLU B 331 25.75 -0.19 12.27
CA GLU B 331 26.23 1.14 11.89
C GLU B 331 25.31 2.23 12.41
N ALA B 332 24.00 2.02 12.34
CA ALA B 332 23.05 3.00 12.86
C ALA B 332 23.21 3.16 14.38
N LEU B 333 23.39 2.04 15.08
CA LEU B 333 23.55 2.08 16.53
C LEU B 333 24.78 2.89 16.93
N GLU B 334 25.87 2.73 16.19
CA GLU B 334 27.09 3.46 16.50
C GLU B 334 26.91 4.94 16.27
N ALA B 335 26.22 5.32 15.17
CA ALA B 335 25.94 6.74 14.94
C ALA B 335 25.05 7.32 16.03
N PHE B 336 24.01 6.57 16.45
CA PHE B 336 23.18 6.99 17.58
C PHE B 336 24.01 7.28 18.83
N LYS B 337 24.88 6.35 19.22
CA LYS B 337 25.70 6.55 20.41
C LYS B 337 26.63 7.73 20.24
N THR B 338 27.22 7.89 19.06
CA THR B 338 28.17 8.96 18.82
C THR B 338 27.51 10.33 18.92
N LEU B 339 26.27 10.47 18.42
CA LEU B 339 25.64 11.77 18.50
C LEU B 339 25.25 12.08 19.94
N CYS B 340 24.74 11.10 20.67
CA CYS B 340 24.37 11.30 22.07
C CYS B 340 25.57 11.81 22.86
N ARG B 341 26.71 11.15 22.68
CA ARG B 341 27.86 11.40 23.55
CA ARG B 341 27.86 11.40 23.55
C ARG B 341 28.66 12.63 23.13
N HIS B 342 28.67 12.97 21.83
CA HIS B 342 29.53 14.03 21.36
C HIS B 342 28.83 15.32 20.94
N GLU B 343 27.51 15.29 20.75
CA GLU B 343 26.77 16.51 20.48
C GLU B 343 25.61 16.72 21.43
N GLY B 344 25.32 15.77 22.33
CA GLY B 344 24.20 15.94 23.23
C GLY B 344 22.86 15.94 22.54
N ILE B 345 22.73 15.21 21.44
CA ILE B 345 21.47 15.06 20.71
C ILE B 345 21.18 13.58 20.58
N ILE B 346 20.00 13.17 21.03
CA ILE B 346 19.56 11.77 20.93
C ILE B 346 18.72 11.66 19.67
N PRO B 347 19.22 11.06 18.58
CA PRO B 347 18.51 11.03 17.31
C PRO B 347 17.65 9.78 17.20
N ALA B 348 16.60 9.89 16.41
CA ALA B 348 15.81 8.70 16.09
C ALA B 348 16.70 7.65 15.43
N LEU B 349 16.37 6.38 15.66
CA LEU B 349 17.11 5.31 14.99
C LEU B 349 16.97 5.40 13.48
N GLU B 350 15.85 5.95 12.98
CA GLU B 350 15.70 6.16 11.55
C GLU B 350 16.77 7.14 11.06
N SER B 351 16.79 8.34 11.69
CA SER B 351 17.74 9.37 11.31
C SER B 351 19.18 8.93 11.53
N SER B 352 19.41 8.05 12.51
CA SER B 352 20.76 7.53 12.76
C SER B 352 21.35 6.81 11.54
N HIS B 353 20.50 6.26 10.67
CA HIS B 353 21.01 5.67 9.42
C HIS B 353 21.64 6.74 8.54
N ALA B 354 20.97 7.89 8.39
CA ALA B 354 21.52 8.97 7.59
C ALA B 354 22.81 9.50 8.21
N LEU B 355 22.82 9.75 9.52
CA LEU B 355 24.06 10.18 10.17
C LEU B 355 25.17 9.17 9.98
N ALA B 356 24.88 7.87 10.12
CA ALA B 356 25.91 6.86 9.97
C ALA B 356 26.58 6.95 8.61
N HIS B 357 25.79 7.19 7.54
CA HIS B 357 26.41 7.27 6.23
C HIS B 357 27.29 8.51 6.13
N ALA B 358 26.82 9.66 6.65
CA ALA B 358 27.65 10.86 6.69
C ALA B 358 28.96 10.60 7.42
N LEU B 359 28.90 9.92 8.57
CA LEU B 359 30.12 9.64 9.31
C LEU B 359 31.05 8.77 8.50
N LYS B 360 30.49 7.85 7.72
CA LYS B 360 31.29 7.03 6.83
C LYS B 360 31.94 7.88 5.74
N MET B 361 31.18 8.81 5.16
CA MET B 361 31.74 9.70 4.14
C MET B 361 32.92 10.48 4.70
N MET B 362 32.83 10.88 5.98
CA MET B 362 33.92 11.62 6.60
C MET B 362 35.07 10.70 6.93
N ARG B 363 34.80 9.56 7.58
CA ARG B 363 35.87 8.71 8.08
C ARG B 363 36.64 8.04 6.94
N GLU B 364 35.97 7.72 5.83
CA GLU B 364 36.64 7.02 4.74
C GLU B 364 37.64 7.92 4.01
N GLN B 365 37.36 9.23 3.97
CA GLN B 365 38.19 10.20 3.25
C GLN B 365 38.32 11.44 4.13
N PRO B 366 39.09 11.34 5.21
CA PRO B 366 39.09 12.40 6.23
C PRO B 366 39.72 13.71 5.78
N GLU B 367 40.50 13.71 4.70
N GLU B 367 40.50 13.71 4.70
CA GLU B 367 41.08 14.92 4.15
CA GLU B 367 41.08 14.94 4.16
C GLU B 367 40.35 15.41 2.91
C GLU B 367 40.28 15.49 2.99
N LYS B 368 39.14 14.91 2.66
CA LYS B 368 38.27 15.43 1.62
C LYS B 368 37.49 16.60 2.17
N GLU B 369 37.63 17.77 1.56
CA GLU B 369 36.84 18.94 1.97
C GLU B 369 35.41 18.78 1.45
N GLN B 370 34.44 18.74 2.37
CA GLN B 370 33.05 18.53 1.98
C GLN B 370 32.14 19.14 3.02
N LEU B 371 31.06 19.76 2.53
CA LEU B 371 30.04 20.41 3.34
C LEU B 371 28.78 19.59 3.20
N LEU B 372 28.38 18.94 4.28
CA LEU B 372 27.29 17.97 4.27
C LEU B 372 26.18 18.44 5.20
N VAL B 373 24.94 18.11 4.83
CA VAL B 373 23.78 18.32 5.69
C VAL B 373 23.09 16.97 5.83
N VAL B 374 22.90 16.55 7.08
CA VAL B 374 22.08 15.37 7.39
C VAL B 374 20.72 15.85 7.85
N ASN B 375 19.66 15.25 7.30
CA ASN B 375 18.31 15.56 7.77
C ASN B 375 18.07 14.74 9.04
N LEU B 376 18.10 15.41 10.19
CA LEU B 376 17.84 14.76 11.46
C LEU B 376 16.32 14.69 11.63
N SER B 377 15.74 13.66 11.02
CA SER B 377 14.30 13.61 10.82
C SER B 377 13.50 13.49 12.11
N GLY B 378 14.09 12.98 13.20
CA GLY B 378 13.38 12.99 14.47
C GLY B 378 14.28 12.75 15.66
N ARG B 379 13.71 12.86 16.85
CA ARG B 379 14.46 12.58 18.06
C ARG B 379 14.28 11.13 18.47
N GLY B 380 15.22 10.65 19.30
CA GLY B 380 15.33 9.26 19.64
C GLY B 380 14.77 8.87 20.98
N ASP B 381 14.07 9.77 21.66
CA ASP B 381 13.47 9.42 22.94
CA ASP B 381 13.45 9.44 22.93
C ASP B 381 12.63 8.16 22.82
N LYS B 382 11.91 8.00 21.70
CA LYS B 382 11.07 6.82 21.53
C LYS B 382 11.88 5.54 21.46
N ASP B 383 13.17 5.63 21.16
CA ASP B 383 14.01 4.48 20.85
C ASP B 383 14.88 4.04 22.02
N ILE B 384 14.82 4.72 23.16
CA ILE B 384 15.79 4.42 24.21
C ILE B 384 15.60 3.00 24.76
N PHE B 385 14.38 2.48 24.73
CA PHE B 385 14.17 1.12 25.24
CA PHE B 385 14.17 1.12 25.24
C PHE B 385 14.74 0.08 24.27
N THR B 386 14.51 0.28 22.96
CA THR B 386 15.10 -0.58 21.97
C THR B 386 16.62 -0.62 22.10
N VAL B 387 17.24 0.56 22.19
CA VAL B 387 18.69 0.63 22.32
C VAL B 387 19.13 -0.01 23.63
N HIS B 388 18.40 0.23 24.72
CA HIS B 388 18.79 -0.36 25.99
C HIS B 388 18.83 -1.88 25.92
N ASP B 389 17.77 -2.49 25.40
CA ASP B 389 17.72 -3.95 25.35
C ASP B 389 18.82 -4.52 24.47
N ILE B 390 19.15 -3.83 23.38
CA ILE B 390 20.25 -4.30 22.54
C ILE B 390 21.57 -4.22 23.29
N LEU B 391 21.85 -3.05 23.90
CA LEU B 391 23.11 -2.91 24.62
C LEU B 391 23.16 -3.86 25.81
N LYS B 392 22.01 -4.20 26.39
CA LYS B 392 21.99 -5.16 27.49
C LYS B 392 22.32 -6.55 26.99
N ALA B 393 21.69 -6.98 25.88
CA ALA B 393 21.93 -8.31 25.35
C ALA B 393 23.36 -8.47 24.87
N ARG B 394 23.96 -7.42 24.34
N ARG B 394 23.96 -7.41 24.35
CA ARG B 394 25.33 -7.47 23.85
CA ARG B 394 25.33 -7.44 23.84
C ARG B 394 26.37 -7.36 24.95
C ARG B 394 26.37 -7.36 24.95
N GLY B 395 25.94 -7.32 26.22
CA GLY B 395 26.86 -7.22 27.33
C GLY B 395 27.49 -5.86 27.53
N GLU B 396 27.14 -4.87 26.70
CA GLU B 396 27.73 -3.54 26.82
C GLU B 396 27.26 -2.80 28.07
N ILE B 397 26.10 -3.16 28.62
CA ILE B 397 25.62 -2.56 29.85
C ILE B 397 24.98 -3.63 30.71
#